data_8FIR
#
_entry.id   8FIR
#
_cell.length_a   66.195
_cell.length_b   66.195
_cell.length_c   337.642
_cell.angle_alpha   90.000
_cell.angle_beta   90.000
_cell.angle_gamma   120.000
#
_symmetry.space_group_name_H-M   'P 32 2 1'
#
loop_
_entity.id
_entity.type
_entity.pdbx_description
1 polymer 'Phosphate acetyltransferase'
2 non-polymer 1,2-ETHANEDIOL
3 non-polymer 'CITRIC ACID'
4 water water
#
_entity_poly.entity_id   1
_entity_poly.type   'polypeptide(L)'
_entity_poly.pdbx_seq_one_letter_code
;MGSDKIHHHHHHENLYFQGMTFVESMQRRAVLAQKRLVLPEACEQRTLEAARLIVFRNIAAKVFLVGCERDIKNTADRCG
IDLTDMVVIDPSVSKHRDQFAERYFQKRKHKGISLAQAAEDMRDPLRFAAMMLDQGHADAMVAGAENTTARVLRAGLTII
GTLPSVKTASSCFVMDTNNPRLGGTRGLFIFSDCAVIPTPTAEQLADIACSAAESCRTFIGEEPTVALLSYSTKGSGGDS
DENILRVREAVRILHERRVDFTFDGELQLDAALVPKITEKKAPHSPITGKVNTLVFPDLSSGNIGYKLVQRLSDADAYGP
FLQGFAKPLSDLSRGCSVEDIVAACAVTLVQSNGR
;
_entity_poly.pdbx_strand_id   A,B
#
loop_
_chem_comp.id
_chem_comp.type
_chem_comp.name
_chem_comp.formula
CIT non-polymer 'CITRIC ACID' 'C6 H8 O7'
EDO non-polymer 1,2-ETHANEDIOL 'C2 H6 O2'
#
# COMPACT_ATOMS: atom_id res chain seq x y z
N MET A 20 -3.27 18.30 -23.99
CA MET A 20 -2.09 18.78 -23.21
C MET A 20 -1.75 17.83 -22.04
N THR A 21 -0.57 18.03 -21.47
CA THR A 21 -0.22 17.40 -20.22
C THR A 21 -1.03 18.00 -19.06
N PHE A 22 -0.96 17.35 -17.89
CA PHE A 22 -1.64 17.87 -16.71
C PHE A 22 -1.08 19.23 -16.31
N VAL A 23 0.26 19.34 -16.22
CA VAL A 23 0.88 20.60 -15.82
C VAL A 23 0.52 21.71 -16.79
N GLU A 24 0.51 21.41 -18.10
CA GLU A 24 0.15 22.44 -19.08
C GLU A 24 -1.29 22.87 -18.91
N SER A 25 -2.18 21.90 -18.71
CA SER A 25 -3.59 22.20 -18.54
C SER A 25 -3.81 23.05 -17.30
N MET A 26 -3.14 22.70 -16.19
CA MET A 26 -3.31 23.49 -14.97
C MET A 26 -2.80 24.91 -15.17
N GLN A 27 -1.68 25.08 -15.88
CA GLN A 27 -1.20 26.44 -16.08
C GLN A 27 -2.16 27.24 -16.97
N ARG A 28 -2.69 26.63 -18.03
CA ARG A 28 -3.63 27.37 -18.84
C ARG A 28 -4.89 27.73 -18.04
N ARG A 29 -5.38 26.81 -17.21
CA ARG A 29 -6.58 27.12 -16.44
C ARG A 29 -6.32 28.23 -15.43
N ALA A 30 -5.11 28.26 -14.81
CA ALA A 30 -4.80 29.36 -13.90
C ALA A 30 -4.79 30.70 -14.64
N VAL A 31 -4.24 30.71 -15.87
CA VAL A 31 -4.25 31.95 -16.67
C VAL A 31 -5.68 32.41 -16.87
N LEU A 32 -6.57 31.47 -17.16
CA LEU A 32 -7.97 31.81 -17.36
C LEU A 32 -8.61 32.31 -16.07
N ALA A 33 -8.24 31.73 -14.93
CA ALA A 33 -8.93 32.05 -13.66
C ALA A 33 -8.60 33.43 -13.13
N GLN A 34 -7.38 33.93 -13.39
CA GLN A 34 -6.97 35.29 -13.01
C GLN A 34 -7.27 35.61 -11.54
N LYS A 35 -6.64 34.87 -10.65
CA LYS A 35 -6.75 34.99 -9.21
C LYS A 35 -5.46 35.56 -8.61
N ARG A 36 -5.53 35.85 -7.30
CA ARG A 36 -4.49 36.55 -6.57
C ARG A 36 -3.64 35.58 -5.75
N LEU A 37 -2.34 35.63 -5.95
CA LEU A 37 -1.38 34.74 -5.31
C LEU A 37 -0.57 35.48 -4.26
N VAL A 38 -0.34 34.81 -3.12
CA VAL A 38 0.53 35.36 -2.09
C VAL A 38 1.65 34.38 -1.80
N LEU A 39 2.86 34.93 -1.69
CA LEU A 39 4.09 34.18 -1.51
C LEU A 39 4.86 34.71 -0.31
N PRO A 40 4.80 34.02 0.83
CA PRO A 40 5.50 34.52 2.02
C PRO A 40 6.98 34.21 2.07
N GLU A 41 7.50 33.39 1.16
CA GLU A 41 8.94 33.07 1.17
C GLU A 41 9.68 33.91 0.14
N ALA A 42 9.35 35.21 0.14
CA ALA A 42 9.79 36.17 -0.88
C ALA A 42 11.25 36.60 -0.78
N CYS A 43 11.95 36.31 0.32
CA CYS A 43 13.39 36.53 0.37
C CYS A 43 14.18 35.37 -0.20
N GLU A 44 13.53 34.33 -0.66
CA GLU A 44 14.22 33.15 -1.19
C GLU A 44 14.30 33.24 -2.71
N GLN A 45 15.47 32.91 -3.24
CA GLN A 45 15.75 33.12 -4.66
C GLN A 45 14.77 32.35 -5.54
N ARG A 46 14.59 31.06 -5.28
CA ARG A 46 13.71 30.25 -6.12
C ARG A 46 12.30 30.80 -6.14
N THR A 47 11.79 31.23 -4.98
CA THR A 47 10.44 31.79 -4.91
C THR A 47 10.32 33.01 -5.78
N LEU A 48 11.33 33.88 -5.77
CA LEU A 48 11.23 35.12 -6.53
C LEU A 48 11.33 34.84 -8.03
N GLU A 49 12.21 33.91 -8.42
CA GLU A 49 12.26 33.46 -9.81
C GLU A 49 10.94 32.86 -10.25
N ALA A 50 10.29 32.09 -9.39
CA ALA A 50 8.98 31.56 -9.73
C ALA A 50 7.98 32.70 -9.90
N ALA A 51 8.04 33.68 -9.01
CA ALA A 51 7.09 34.78 -9.11
C ALA A 51 7.22 35.49 -10.44
N ARG A 52 8.45 35.66 -10.93
CA ARG A 52 8.65 36.31 -12.21
C ARG A 52 8.08 35.49 -13.36
N LEU A 53 8.23 34.17 -13.30
CA LEU A 53 7.67 33.34 -14.34
C LEU A 53 6.16 33.36 -14.30
N ILE A 54 5.57 33.42 -13.09
CA ILE A 54 4.12 33.53 -12.94
C ILE A 54 3.62 34.82 -13.62
N VAL A 55 4.29 35.92 -13.37
CA VAL A 55 3.94 37.18 -14.02
C VAL A 55 4.10 37.06 -15.53
N PHE A 56 5.26 36.57 -15.97
CA PHE A 56 5.51 36.41 -17.40
C PHE A 56 4.47 35.52 -18.07
N ARG A 57 4.04 34.45 -17.41
CA ARG A 57 3.06 33.56 -17.99
C ARG A 57 1.61 33.99 -17.76
N ASN A 58 1.38 35.08 -17.02
CA ASN A 58 0.05 35.55 -16.67
C ASN A 58 -0.76 34.53 -15.88
N ILE A 59 -0.07 33.75 -15.04
CA ILE A 59 -0.70 32.69 -14.26
C ILE A 59 -1.52 33.24 -13.11
N ALA A 60 -1.24 34.48 -12.68
CA ALA A 60 -1.99 35.14 -11.63
C ALA A 60 -2.32 36.57 -12.01
N ALA A 61 -3.47 37.06 -11.53
CA ALA A 61 -3.84 38.46 -11.69
C ALA A 61 -3.00 39.38 -10.81
N LYS A 62 -2.56 38.90 -9.65
CA LYS A 62 -1.74 39.72 -8.76
C LYS A 62 -0.80 38.78 -8.05
N VAL A 63 0.44 39.23 -7.80
CA VAL A 63 1.43 38.46 -7.08
C VAL A 63 1.88 39.30 -5.91
N PHE A 64 1.53 38.85 -4.70
CA PHE A 64 1.91 39.53 -3.46
C PHE A 64 3.12 38.83 -2.87
N LEU A 65 4.17 39.60 -2.64
CA LEU A 65 5.37 39.10 -1.98
C LEU A 65 5.34 39.62 -0.54
N VAL A 66 5.36 38.72 0.42
CA VAL A 66 5.20 39.05 1.83
C VAL A 66 6.53 38.88 2.55
N GLY A 67 6.98 39.93 3.21
CA GLY A 67 8.21 39.88 3.97
C GLY A 67 8.78 41.26 4.20
N CYS A 68 9.98 41.28 4.77
CA CYS A 68 10.72 42.52 5.00
C CYS A 68 11.09 43.15 3.67
N GLU A 69 10.55 44.32 3.38
CA GLU A 69 10.67 44.91 2.05
C GLU A 69 12.12 45.00 1.58
N ARG A 70 13.05 45.43 2.44
CA ARG A 70 14.40 45.59 1.93
C ARG A 70 15.14 44.26 1.81
N ASP A 71 14.76 43.23 2.58
CA ASP A 71 15.33 41.91 2.34
C ASP A 71 14.87 41.35 0.99
N ILE A 72 13.60 41.57 0.65
CA ILE A 72 13.09 41.12 -0.64
C ILE A 72 13.78 41.87 -1.78
N LYS A 73 13.83 43.19 -1.67
CA LYS A 73 14.47 44.00 -2.71
C LYS A 73 15.93 43.64 -2.88
N ASN A 74 16.60 43.34 -1.78
CA ASN A 74 17.99 42.92 -1.81
C ASN A 74 18.15 41.60 -2.56
N THR A 75 17.29 40.61 -2.27
CA THR A 75 17.36 39.35 -2.97
C THR A 75 17.08 39.55 -4.46
N ALA A 76 16.09 40.38 -4.78
CA ALA A 76 15.76 40.62 -6.18
C ALA A 76 16.92 41.29 -6.90
N ASP A 77 17.48 42.32 -6.28
CA ASP A 77 18.65 43.00 -6.85
C ASP A 77 19.76 42.01 -7.16
N ARG A 78 20.10 41.16 -6.20
CA ARG A 78 21.20 40.22 -6.38
C ARG A 78 20.89 39.12 -7.41
N CYS A 79 19.62 38.82 -7.68
CA CYS A 79 19.24 37.80 -8.65
C CYS A 79 18.77 38.39 -9.97
N GLY A 80 18.78 39.72 -10.10
CA GLY A 80 18.38 40.39 -11.33
C GLY A 80 16.93 40.24 -11.69
N ILE A 81 16.04 40.42 -10.72
CA ILE A 81 14.61 40.14 -10.89
C ILE A 81 13.87 41.45 -10.76
N ASP A 82 13.09 41.78 -11.79
CA ASP A 82 12.24 42.97 -11.76
C ASP A 82 10.95 42.66 -11.00
N LEU A 83 10.61 43.52 -10.05
CA LEU A 83 9.44 43.35 -9.21
C LEU A 83 8.30 44.28 -9.60
N THR A 84 8.41 44.98 -10.74
CA THR A 84 7.51 46.11 -10.95
C THR A 84 6.05 45.68 -11.08
N ASP A 85 5.79 44.45 -11.52
CA ASP A 85 4.42 43.96 -11.57
C ASP A 85 4.07 43.09 -10.36
N MET A 86 4.82 43.19 -9.27
CA MET A 86 4.53 42.47 -8.04
C MET A 86 4.31 43.49 -6.94
N VAL A 87 3.59 43.07 -5.91
CA VAL A 87 3.24 43.92 -4.80
C VAL A 87 3.94 43.38 -3.57
N VAL A 88 4.84 44.17 -3.01
CA VAL A 88 5.53 43.80 -1.78
C VAL A 88 4.68 44.27 -0.60
N ILE A 89 4.33 43.35 0.29
CA ILE A 89 3.58 43.67 1.49
C ILE A 89 4.44 43.30 2.69
N ASP A 90 4.75 44.31 3.53
CA ASP A 90 5.63 44.12 4.68
C ASP A 90 4.76 44.02 5.94
N PRO A 91 4.75 42.88 6.65
CA PRO A 91 3.82 42.74 7.79
C PRO A 91 4.03 43.78 8.89
N SER A 92 5.22 44.34 9.00
CA SER A 92 5.47 45.38 10.01
C SER A 92 4.86 46.72 9.66
N VAL A 93 4.61 46.99 8.38
CA VAL A 93 4.15 48.30 7.93
C VAL A 93 2.77 48.28 7.32
N SER A 94 2.25 47.11 6.97
CA SER A 94 1.02 47.03 6.23
C SER A 94 -0.08 47.81 6.91
N LYS A 95 -0.97 48.37 6.11
CA LYS A 95 -2.16 49.00 6.64
C LYS A 95 -3.07 48.01 7.35
N HIS A 96 -2.91 46.71 7.10
CA HIS A 96 -3.75 45.69 7.72
C HIS A 96 -3.16 45.15 9.01
N ARG A 97 -2.00 45.63 9.43
CA ARG A 97 -1.28 45.08 10.59
C ARG A 97 -2.16 44.99 11.83
N ASP A 98 -2.82 46.09 12.20
CA ASP A 98 -3.58 46.11 13.44
C ASP A 98 -4.81 45.22 13.35
N GLN A 99 -5.52 45.25 12.22
CA GLN A 99 -6.66 44.37 12.06
C GLN A 99 -6.24 42.89 12.05
N PHE A 100 -5.07 42.58 11.46
CA PHE A 100 -4.64 41.20 11.40
C PHE A 100 -4.24 40.68 12.78
N ALA A 101 -3.57 41.52 13.57
CA ALA A 101 -3.19 41.14 14.93
C ALA A 101 -4.43 40.83 15.77
N GLU A 102 -5.46 41.66 15.62
CA GLU A 102 -6.73 41.46 16.33
C GLU A 102 -7.44 40.19 15.88
N ARG A 103 -7.51 39.95 14.58
CA ARG A 103 -8.15 38.74 14.11
C ARG A 103 -7.42 37.49 14.62
N TYR A 104 -6.08 37.51 14.64
CA TYR A 104 -5.34 36.35 15.11
C TYR A 104 -5.55 36.14 16.61
N PHE A 105 -5.63 37.22 17.36
CA PHE A 105 -5.92 37.13 18.80
C PHE A 105 -7.27 36.49 19.05
N GLN A 106 -8.30 36.95 18.34
CA GLN A 106 -9.61 36.31 18.45
C GLN A 106 -9.54 34.83 18.08
N LYS A 107 -8.76 34.49 17.05
CA LYS A 107 -8.66 33.08 16.68
C LYS A 107 -7.99 32.24 17.78
N ARG A 108 -6.98 32.80 18.43
CA ARG A 108 -6.08 32.01 19.27
C ARG A 108 -6.21 32.29 20.77
N LYS A 109 -7.06 33.23 21.17
CA LYS A 109 -7.12 33.59 22.60
C LYS A 109 -7.59 32.43 23.44
N HIS A 110 -8.25 31.43 22.83
CA HIS A 110 -8.67 30.24 23.53
C HIS A 110 -7.50 29.33 23.91
N LYS A 111 -6.29 29.63 23.46
CA LYS A 111 -5.08 28.93 23.92
C LYS A 111 -4.25 29.79 24.89
N GLY A 112 -4.77 30.93 25.29
CA GLY A 112 -4.18 31.75 26.32
C GLY A 112 -3.12 32.73 25.87
N ILE A 113 -3.01 33.03 24.58
CA ILE A 113 -2.01 34.02 24.20
C ILE A 113 -2.57 35.42 24.42
N SER A 114 -1.66 36.38 24.57
CA SER A 114 -1.97 37.78 24.73
C SER A 114 -2.08 38.49 23.39
N LEU A 115 -2.71 39.67 23.40
CA LEU A 115 -2.81 40.45 22.17
C LEU A 115 -1.43 40.85 21.63
N ALA A 116 -0.49 41.21 22.52
CA ALA A 116 0.85 41.58 22.05
C ALA A 116 1.59 40.38 21.48
N GLN A 117 1.37 39.18 22.03
CA GLN A 117 1.95 37.99 21.43
C GLN A 117 1.33 37.76 20.06
N ALA A 118 0.03 37.95 19.94
CA ALA A 118 -0.60 37.83 18.63
C ALA A 118 -0.02 38.81 17.61
N ALA A 119 0.20 40.08 18.02
CA ALA A 119 0.75 41.07 17.10
C ALA A 119 2.15 40.66 16.64
N GLU A 120 2.99 40.20 17.56
CA GLU A 120 4.33 39.73 17.19
C GLU A 120 4.27 38.52 16.28
N ASP A 121 3.37 37.57 16.57
CA ASP A 121 3.25 36.38 15.72
C ASP A 121 2.84 36.78 14.29
N MET A 122 1.98 37.80 14.16
CA MET A 122 1.52 38.23 12.86
C MET A 122 2.56 39.06 12.10
N ARG A 123 3.75 39.25 12.66
CA ARG A 123 4.85 39.76 11.84
C ARG A 123 5.50 38.67 11.01
N ASP A 124 5.18 37.41 11.27
CA ASP A 124 5.72 36.30 10.50
C ASP A 124 5.10 36.28 9.11
N PRO A 125 5.90 36.25 8.04
CA PRO A 125 5.31 36.28 6.69
C PRO A 125 4.34 35.15 6.43
N LEU A 126 4.64 33.92 6.89
CA LEU A 126 3.73 32.79 6.68
C LEU A 126 2.36 33.04 7.32
N ARG A 127 2.34 33.43 8.59
CA ARG A 127 1.05 33.75 9.20
C ARG A 127 0.38 34.92 8.50
N PHE A 128 1.14 35.93 8.11
CA PHE A 128 0.53 37.09 7.49
C PHE A 128 -0.08 36.72 6.13
N ALA A 129 0.59 35.89 5.36
CA ALA A 129 0.02 35.47 4.10
C ALA A 129 -1.24 34.62 4.31
N ALA A 130 -1.20 33.71 5.30
CA ALA A 130 -2.40 32.91 5.55
C ALA A 130 -3.57 33.81 5.95
N MET A 131 -3.28 34.86 6.74
CA MET A 131 -4.35 35.79 7.15
C MET A 131 -4.88 36.61 5.97
N MET A 132 -4.01 36.96 5.02
CA MET A 132 -4.53 37.54 3.77
C MET A 132 -5.60 36.68 3.13
N LEU A 133 -5.40 35.36 3.10
CA LEU A 133 -6.43 34.48 2.56
C LEU A 133 -7.70 34.50 3.43
N ASP A 134 -7.54 34.33 4.74
CA ASP A 134 -8.70 34.37 5.64
C ASP A 134 -9.49 35.67 5.48
N GLN A 135 -8.81 36.77 5.25
CA GLN A 135 -9.47 38.09 5.22
C GLN A 135 -9.87 38.55 3.81
N GLY A 136 -9.70 37.71 2.78
CA GLY A 136 -10.15 38.05 1.45
C GLY A 136 -9.26 38.95 0.62
N HIS A 137 -7.98 39.09 0.99
CA HIS A 137 -7.06 39.92 0.21
C HIS A 137 -6.22 39.17 -0.79
N ALA A 138 -6.21 37.85 -0.74
CA ALA A 138 -5.62 37.02 -1.78
C ALA A 138 -6.40 35.70 -1.81
N ASP A 139 -6.16 34.91 -2.85
CA ASP A 139 -6.94 33.71 -3.14
C ASP A 139 -6.22 32.39 -2.93
N ALA A 140 -4.89 32.39 -3.04
CA ALA A 140 -4.08 31.18 -3.05
C ALA A 140 -2.74 31.50 -2.41
N MET A 141 -2.25 30.58 -1.59
CA MET A 141 -0.96 30.75 -0.91
C MET A 141 -0.11 29.51 -1.17
N VAL A 142 1.18 29.73 -1.39
CA VAL A 142 2.12 28.62 -1.60
C VAL A 142 3.33 28.90 -0.72
N ALA A 143 3.78 27.91 0.00
CA ALA A 143 4.95 28.04 0.87
C ALA A 143 5.56 26.66 1.04
N GLY A 144 6.66 26.60 1.76
CA GLY A 144 7.31 25.33 2.08
C GLY A 144 8.64 25.07 1.40
N ALA A 145 9.07 25.94 0.50
CA ALA A 145 10.45 25.88 0.01
C ALA A 145 11.46 26.14 1.14
N GLU A 146 11.08 26.92 2.13
CA GLU A 146 11.98 27.20 3.25
C GLU A 146 11.35 26.95 4.61
N ASN A 147 10.03 26.90 4.72
CA ASN A 147 9.39 26.50 5.99
C ASN A 147 9.12 25.01 6.02
N THR A 148 9.04 24.46 7.24
CA THR A 148 8.71 23.05 7.40
C THR A 148 7.24 22.82 7.04
N THR A 149 6.94 21.57 6.65
CA THR A 149 5.57 21.19 6.39
C THR A 149 4.69 21.43 7.60
N ALA A 150 5.20 21.09 8.78
CA ALA A 150 4.44 21.28 10.01
C ALA A 150 4.03 22.74 10.18
N ARG A 151 4.95 23.67 9.94
CA ARG A 151 4.62 25.10 10.07
C ARG A 151 3.59 25.52 9.03
N VAL A 152 3.73 25.03 7.79
CA VAL A 152 2.78 25.42 6.74
C VAL A 152 1.38 24.92 7.06
N LEU A 153 1.24 23.63 7.42
CA LEU A 153 -0.06 23.09 7.73
C LEU A 153 -0.66 23.73 8.96
N ARG A 154 0.18 24.06 9.94
CA ARG A 154 -0.30 24.72 11.15
C ARG A 154 -0.84 26.11 10.85
N ALA A 155 -0.12 26.91 10.09
CA ALA A 155 -0.69 28.19 9.66
C ALA A 155 -2.02 27.98 8.95
N GLY A 156 -2.08 26.98 8.06
CA GLY A 156 -3.34 26.73 7.37
C GLY A 156 -4.46 26.36 8.32
N LEU A 157 -4.22 25.39 9.20
CA LEU A 157 -5.26 24.93 10.10
C LEU A 157 -5.70 26.01 11.09
N THR A 158 -4.77 26.76 11.65
CA THR A 158 -5.14 27.71 12.69
C THR A 158 -5.58 29.08 12.18
N ILE A 159 -5.22 29.48 10.96
CA ILE A 159 -5.64 30.77 10.43
C ILE A 159 -6.71 30.65 9.35
N ILE A 160 -6.54 29.72 8.41
CA ILE A 160 -7.51 29.57 7.33
C ILE A 160 -8.67 28.66 7.73
N GLY A 161 -8.43 27.57 8.43
CA GLY A 161 -9.48 26.64 8.80
C GLY A 161 -9.96 25.78 7.64
N THR A 162 -11.00 24.99 7.90
CA THR A 162 -11.52 24.06 6.92
C THR A 162 -12.81 24.56 6.32
N LEU A 163 -13.18 23.98 5.16
CA LEU A 163 -14.49 24.20 4.60
C LEU A 163 -15.55 23.75 5.60
N PRO A 164 -16.77 24.28 5.49
CA PRO A 164 -17.81 23.89 6.45
C PRO A 164 -18.21 22.43 6.34
N SER A 165 -18.10 21.83 5.15
CA SER A 165 -18.44 20.45 4.84
C SER A 165 -17.50 19.39 5.40
N VAL A 166 -16.33 19.76 5.95
CA VAL A 166 -15.42 18.79 6.57
C VAL A 166 -14.83 19.40 7.83
N LYS A 167 -14.32 18.54 8.70
CA LYS A 167 -13.59 19.01 9.88
C LYS A 167 -12.10 18.73 9.77
N THR A 168 -11.66 18.22 8.62
CA THR A 168 -10.34 17.67 8.44
C THR A 168 -9.73 18.20 7.15
N ALA A 169 -8.50 18.68 7.23
CA ALA A 169 -7.73 18.98 6.04
C ALA A 169 -6.88 17.75 5.71
N SER A 170 -6.75 17.49 4.42
CA SER A 170 -6.10 16.27 3.94
C SER A 170 -5.32 16.62 2.67
N SER A 171 -5.03 15.61 1.87
CA SER A 171 -4.29 15.82 0.63
C SER A 171 -4.59 14.69 -0.34
N CYS A 172 -4.23 14.93 -1.61
CA CYS A 172 -4.34 13.90 -2.63
C CYS A 172 -3.17 14.02 -3.60
N PHE A 173 -3.04 13.00 -4.44
CA PHE A 173 -2.23 13.05 -5.66
C PHE A 173 -3.13 12.82 -6.86
N VAL A 174 -2.79 13.48 -7.95
CA VAL A 174 -3.36 13.15 -9.25
C VAL A 174 -2.42 12.15 -9.90
N MET A 175 -2.92 10.96 -10.21
CA MET A 175 -2.16 9.88 -10.81
C MET A 175 -2.59 9.77 -12.25
N ASP A 176 -1.64 9.91 -13.17
CA ASP A 176 -1.88 9.81 -14.62
C ASP A 176 -1.14 8.56 -15.08
N THR A 177 -1.90 7.51 -15.34
CA THR A 177 -1.27 6.27 -15.79
C THR A 177 -0.76 6.35 -17.24
N ASN A 178 -1.02 7.47 -17.94
CA ASN A 178 -0.69 7.60 -19.36
C ASN A 178 -1.15 6.37 -20.14
N ASN A 179 -2.31 5.84 -19.76
CA ASN A 179 -2.87 4.63 -20.38
C ASN A 179 -4.39 4.67 -20.26
N PRO A 180 -5.09 5.19 -21.30
CA PRO A 180 -6.56 5.18 -21.28
C PRO A 180 -7.23 3.90 -20.79
N ARG A 181 -6.68 2.74 -21.21
CA ARG A 181 -7.35 1.47 -20.98
C ARG A 181 -7.36 1.04 -19.51
N LEU A 182 -6.54 1.66 -18.66
CA LEU A 182 -6.48 1.26 -17.25
C LEU A 182 -7.63 1.83 -16.44
N GLY A 183 -8.81 1.97 -17.04
CA GLY A 183 -9.97 2.39 -16.28
C GLY A 183 -9.80 3.79 -15.69
N GLY A 184 -10.70 4.10 -14.77
CA GLY A 184 -10.68 5.42 -14.15
C GLY A 184 -11.34 6.43 -15.04
N THR A 185 -10.62 7.50 -15.31
CA THR A 185 -11.08 8.55 -16.23
C THR A 185 -9.91 8.70 -17.21
N ARG A 186 -9.94 7.92 -18.30
CA ARG A 186 -8.85 7.85 -19.26
C ARG A 186 -7.50 7.72 -18.54
N GLY A 187 -7.45 6.79 -17.59
CA GLY A 187 -6.25 6.54 -16.82
C GLY A 187 -5.87 7.60 -15.81
N LEU A 188 -6.75 8.55 -15.51
CA LEU A 188 -6.52 9.54 -14.46
C LEU A 188 -7.25 9.15 -13.17
N PHE A 189 -6.56 9.23 -12.04
CA PHE A 189 -7.13 8.94 -10.74
C PHE A 189 -6.75 9.99 -9.71
N ILE A 190 -7.61 10.16 -8.71
CA ILE A 190 -7.26 10.80 -7.45
C ILE A 190 -6.91 9.70 -6.45
N PHE A 191 -5.73 9.79 -5.81
CA PHE A 191 -5.33 8.95 -4.68
C PHE A 191 -5.30 9.83 -3.42
N SER A 192 -5.95 9.40 -2.33
CA SER A 192 -6.12 10.23 -1.13
C SER A 192 -6.32 9.32 0.07
N ASP A 193 -5.80 9.67 1.26
CA ASP A 193 -4.89 10.77 1.59
C ASP A 193 -3.53 10.14 1.75
N CYS A 194 -2.61 10.43 0.84
CA CYS A 194 -1.33 9.75 0.79
C CYS A 194 -0.19 10.58 1.40
N ALA A 195 -0.50 11.65 2.12
CA ALA A 195 0.57 12.47 2.67
C ALA A 195 0.33 13.08 4.07
N VAL A 196 -0.90 13.28 4.56
CA VAL A 196 -1.13 14.10 5.74
C VAL A 196 -1.54 13.26 7.00
N ILE A 197 -2.68 12.60 6.94
CA ILE A 197 -3.30 12.05 8.17
C ILE A 197 -2.87 10.60 8.36
N PRO A 198 -2.14 10.30 9.46
CA PRO A 198 -1.60 8.95 9.63
C PRO A 198 -2.64 7.85 9.72
N THR A 199 -3.62 8.00 10.60
CA THR A 199 -4.69 7.02 10.75
C THR A 199 -6.02 7.72 10.91
N PRO A 200 -6.70 7.98 9.81
CA PRO A 200 -7.98 8.69 9.88
C PRO A 200 -9.03 7.93 10.67
N THR A 201 -9.71 8.64 11.56
CA THR A 201 -10.91 8.11 12.18
C THR A 201 -11.94 7.90 11.10
N ALA A 202 -13.03 7.20 11.44
CA ALA A 202 -14.07 6.96 10.44
C ALA A 202 -14.61 8.29 9.90
N GLU A 203 -14.77 9.28 10.79
CA GLU A 203 -15.26 10.60 10.39
C GLU A 203 -14.26 11.33 9.49
N GLN A 204 -12.98 11.24 9.81
CA GLN A 204 -11.95 11.82 8.95
C GLN A 204 -11.89 11.13 7.60
N LEU A 205 -12.09 9.79 7.57
CA LEU A 205 -12.09 9.07 6.31
C LEU A 205 -13.22 9.53 5.42
N ALA A 206 -14.40 9.77 6.01
CA ALA A 206 -15.50 10.32 5.24
C ALA A 206 -15.16 11.73 4.76
N ASP A 207 -14.53 12.54 5.61
CA ASP A 207 -14.05 13.86 5.16
C ASP A 207 -13.08 13.72 3.98
N ILE A 208 -12.09 12.83 4.12
CA ILE A 208 -11.13 12.60 3.04
C ILE A 208 -11.84 12.24 1.72
N ALA A 209 -12.85 11.37 1.78
CA ALA A 209 -13.60 11.02 0.58
C ALA A 209 -14.32 12.21 -0.02
N CYS A 210 -14.92 13.07 0.84
CA CYS A 210 -15.61 14.27 0.34
C CYS A 210 -14.63 15.23 -0.34
N SER A 211 -13.50 15.48 0.29
CA SER A 211 -12.50 16.38 -0.29
C SER A 211 -11.87 15.79 -1.55
N ALA A 212 -11.65 14.46 -1.58
CA ALA A 212 -11.11 13.81 -2.77
C ALA A 212 -12.10 13.90 -3.93
N ALA A 213 -13.40 13.82 -3.63
CA ALA A 213 -14.42 14.02 -4.63
C ALA A 213 -14.34 15.41 -5.23
N GLU A 214 -14.15 16.43 -4.40
CA GLU A 214 -13.99 17.79 -4.91
C GLU A 214 -12.72 17.91 -5.76
N SER A 215 -11.62 17.32 -5.29
CA SER A 215 -10.38 17.31 -6.05
C SER A 215 -10.55 16.64 -7.40
N CYS A 216 -11.30 15.54 -7.45
CA CYS A 216 -11.57 14.88 -8.73
C CYS A 216 -12.25 15.84 -9.70
N ARG A 217 -13.28 16.57 -9.23
CA ARG A 217 -13.95 17.51 -10.11
C ARG A 217 -13.03 18.63 -10.57
N THR A 218 -12.17 19.14 -9.68
CA THR A 218 -11.31 20.25 -10.04
C THR A 218 -10.19 19.81 -10.99
N PHE A 219 -9.53 18.68 -10.68
CA PHE A 219 -8.28 18.35 -11.36
C PHE A 219 -8.48 17.42 -12.53
N ILE A 220 -9.38 16.45 -12.42
CA ILE A 220 -9.63 15.57 -13.54
C ILE A 220 -10.76 16.08 -14.40
N GLY A 221 -11.72 16.76 -13.78
CA GLY A 221 -12.84 17.30 -14.53
C GLY A 221 -13.95 16.31 -14.84
N GLU A 222 -13.98 15.16 -14.18
CA GLU A 222 -15.08 14.22 -14.32
C GLU A 222 -15.78 14.02 -12.98
N GLU A 223 -16.99 13.49 -13.03
CA GLU A 223 -17.75 13.24 -11.80
C GLU A 223 -17.03 12.17 -10.98
N PRO A 224 -16.96 12.35 -9.66
CA PRO A 224 -16.22 11.38 -8.83
C PRO A 224 -17.00 10.11 -8.56
N THR A 225 -16.31 8.99 -8.72
CA THR A 225 -16.79 7.70 -8.24
C THR A 225 -15.71 7.15 -7.33
N VAL A 226 -16.03 6.98 -6.06
CA VAL A 226 -15.05 6.84 -5.00
C VAL A 226 -15.11 5.43 -4.40
N ALA A 227 -13.95 4.78 -4.30
CA ALA A 227 -13.84 3.49 -3.60
C ALA A 227 -13.01 3.68 -2.34
N LEU A 228 -13.59 3.34 -1.18
CA LEU A 228 -12.86 3.27 0.08
C LEU A 228 -12.21 1.89 0.20
N LEU A 229 -10.89 1.85 0.21
CA LEU A 229 -10.15 0.62 0.03
C LEU A 229 -9.83 -0.07 1.35
N SER A 230 -9.49 -1.37 1.24
CA SER A 230 -9.17 -2.21 2.39
C SER A 230 -8.56 -3.51 1.85
N TYR A 231 -8.03 -4.33 2.76
CA TYR A 231 -7.75 -5.71 2.38
C TYR A 231 -9.03 -6.55 2.34
N SER A 232 -10.14 -6.00 2.83
CA SER A 232 -11.42 -6.70 2.87
C SER A 232 -12.35 -6.15 1.80
N THR A 233 -13.18 -7.03 1.21
CA THR A 233 -14.26 -6.59 0.34
C THR A 233 -15.61 -6.97 0.94
N LYS A 234 -16.40 -5.98 1.36
CA LYS A 234 -17.77 -6.21 1.81
C LYS A 234 -17.87 -7.41 2.75
N GLY A 235 -17.07 -7.42 3.81
CA GLY A 235 -17.17 -8.44 4.84
C GLY A 235 -16.13 -9.54 4.79
N SER A 236 -15.51 -9.79 3.63
CA SER A 236 -14.62 -10.93 3.48
C SER A 236 -13.52 -10.98 4.53
N GLY A 237 -13.14 -9.88 5.15
CA GLY A 237 -12.09 -9.91 6.14
C GLY A 237 -12.57 -10.04 7.56
N GLY A 238 -13.86 -10.16 7.76
CA GLY A 238 -14.41 -10.35 9.09
C GLY A 238 -15.09 -9.11 9.62
N ASP A 239 -15.41 -9.20 10.91
CA ASP A 239 -16.16 -8.15 11.60
C ASP A 239 -15.43 -7.65 12.83
N SER A 240 -14.19 -8.09 13.06
CA SER A 240 -13.49 -7.71 14.29
C SER A 240 -12.35 -6.72 14.09
N ASP A 241 -11.68 -6.70 12.93
CA ASP A 241 -10.53 -5.83 12.73
C ASP A 241 -10.97 -4.37 12.73
N GLU A 242 -10.44 -3.59 13.66
CA GLU A 242 -10.80 -2.16 13.74
C GLU A 242 -10.54 -1.45 12.41
N ASN A 243 -9.47 -1.82 11.72
CA ASN A 243 -9.18 -1.18 10.44
C ASN A 243 -10.28 -1.40 9.43
N ILE A 244 -10.90 -2.59 9.39
CA ILE A 244 -12.00 -2.82 8.48
C ILE A 244 -13.20 -2.01 8.93
N LEU A 245 -13.49 -2.03 10.22
CA LEU A 245 -14.70 -1.37 10.73
C LEU A 245 -14.61 0.13 10.56
N ARG A 246 -13.42 0.69 10.72
CA ARG A 246 -13.19 2.11 10.44
C ARG A 246 -13.65 2.48 9.03
N VAL A 247 -13.28 1.67 8.02
CA VAL A 247 -13.67 1.99 6.65
C VAL A 247 -15.16 1.77 6.46
N ARG A 248 -15.70 0.68 7.04
CA ARG A 248 -17.13 0.43 6.94
C ARG A 248 -17.94 1.57 7.55
N GLU A 249 -17.51 2.07 8.71
CA GLU A 249 -18.22 3.16 9.38
C GLU A 249 -18.16 4.44 8.55
N ALA A 250 -17.02 4.73 7.92
CA ALA A 250 -16.92 5.86 7.01
C ALA A 250 -17.97 5.76 5.90
N VAL A 251 -18.16 4.56 5.36
CA VAL A 251 -19.14 4.40 4.29
C VAL A 251 -20.55 4.69 4.80
N ARG A 252 -20.87 4.21 6.02
CA ARG A 252 -22.16 4.53 6.63
C ARG A 252 -22.31 6.03 6.82
N ILE A 253 -21.26 6.70 7.32
CA ILE A 253 -21.29 8.15 7.53
C ILE A 253 -21.55 8.90 6.23
N LEU A 254 -20.98 8.41 5.12
CA LEU A 254 -21.22 9.08 3.84
C LEU A 254 -22.69 8.95 3.44
N HIS A 255 -23.29 7.77 3.64
CA HIS A 255 -24.73 7.63 3.42
C HIS A 255 -25.51 8.59 4.31
N GLU A 256 -25.16 8.66 5.59
CA GLU A 256 -25.89 9.54 6.49
C GLU A 256 -25.80 10.97 6.01
N ARG A 257 -24.63 11.39 5.49
CA ARG A 257 -24.44 12.76 5.05
C ARG A 257 -25.17 13.07 3.75
N ARG A 258 -25.72 12.07 3.08
CA ARG A 258 -26.38 12.27 1.79
C ARG A 258 -25.51 13.04 0.81
N VAL A 259 -24.27 12.55 0.61
CA VAL A 259 -23.36 13.21 -0.34
C VAL A 259 -23.85 13.00 -1.76
N ASP A 260 -23.41 13.87 -2.67
CA ASP A 260 -23.95 13.85 -4.02
C ASP A 260 -23.08 13.08 -5.00
N PHE A 261 -22.10 12.32 -4.53
CA PHE A 261 -21.25 11.53 -5.40
C PHE A 261 -21.43 10.04 -5.13
N THR A 262 -21.02 9.21 -6.10
CA THR A 262 -21.13 7.76 -5.97
C THR A 262 -19.94 7.22 -5.18
N PHE A 263 -20.19 6.28 -4.29
CA PHE A 263 -19.15 5.73 -3.43
C PHE A 263 -19.54 4.34 -2.99
N ASP A 264 -18.54 3.56 -2.56
CA ASP A 264 -18.75 2.29 -1.92
C ASP A 264 -17.49 1.88 -1.18
N GLY A 265 -17.68 1.04 -0.17
CA GLY A 265 -16.61 0.43 0.61
C GLY A 265 -17.24 -0.56 1.57
N GLU A 266 -16.40 -1.36 2.23
CA GLU A 266 -14.95 -1.42 1.96
C GLU A 266 -14.66 -2.37 0.79
N LEU A 267 -13.69 -1.99 -0.04
CA LEU A 267 -13.35 -2.72 -1.25
C LEU A 267 -11.85 -2.94 -1.35
N GLN A 268 -11.47 -4.16 -1.73
CA GLN A 268 -10.11 -4.42 -2.19
C GLN A 268 -9.91 -3.71 -3.52
N LEU A 269 -8.63 -3.47 -3.84
CA LEU A 269 -8.31 -2.71 -5.04
C LEU A 269 -8.82 -3.39 -6.30
N ASP A 270 -8.71 -4.72 -6.38
CA ASP A 270 -9.16 -5.42 -7.59
C ASP A 270 -10.69 -5.40 -7.68
N ALA A 271 -11.37 -5.52 -6.56
CA ALA A 271 -12.82 -5.33 -6.57
C ALA A 271 -13.23 -3.91 -6.97
N ALA A 272 -12.40 -2.91 -6.65
CA ALA A 272 -12.72 -1.55 -7.06
C ALA A 272 -12.57 -1.37 -8.57
N LEU A 273 -11.54 -1.98 -9.17
CA LEU A 273 -11.13 -1.61 -10.53
C LEU A 273 -11.41 -2.65 -11.60
N VAL A 274 -11.79 -3.86 -11.26
CA VAL A 274 -12.00 -4.94 -12.23
C VAL A 274 -13.43 -5.42 -12.13
N PRO A 275 -14.30 -4.98 -13.06
CA PRO A 275 -15.74 -5.30 -12.89
C PRO A 275 -16.06 -6.78 -12.72
N LYS A 276 -15.41 -7.68 -13.47
CA LYS A 276 -15.66 -9.11 -13.26
C LYS A 276 -15.49 -9.49 -11.80
N ILE A 277 -14.47 -8.93 -11.14
CA ILE A 277 -14.25 -9.24 -9.73
C ILE A 277 -15.26 -8.51 -8.86
N THR A 278 -15.61 -7.25 -9.20
CA THR A 278 -16.63 -6.56 -8.42
C THR A 278 -17.91 -7.38 -8.38
N GLU A 279 -18.24 -8.03 -9.49
CA GLU A 279 -19.51 -8.74 -9.59
C GLU A 279 -19.53 -9.99 -8.72
N LYS A 280 -18.37 -10.60 -8.49
CA LYS A 280 -18.29 -11.74 -7.57
C LYS A 280 -18.19 -11.29 -6.12
N LYS A 281 -17.38 -10.26 -5.82
CA LYS A 281 -17.11 -9.94 -4.42
C LYS A 281 -18.00 -8.83 -3.87
N ALA A 282 -18.53 -7.95 -4.71
CA ALA A 282 -19.39 -6.84 -4.26
C ALA A 282 -20.54 -6.65 -5.24
N PRO A 283 -21.52 -7.57 -5.23
CA PRO A 283 -22.60 -7.51 -6.21
C PRO A 283 -23.47 -6.27 -6.11
N HIS A 284 -23.84 -5.74 -7.28
CA HIS A 284 -24.68 -4.55 -7.38
C HIS A 284 -24.02 -3.33 -6.75
N SER A 285 -22.71 -3.38 -6.53
CA SER A 285 -21.99 -2.20 -6.09
C SER A 285 -22.25 -1.06 -7.07
N PRO A 286 -22.58 0.15 -6.59
CA PRO A 286 -22.80 1.27 -7.51
C PRO A 286 -21.53 1.83 -8.15
N ILE A 287 -20.33 1.39 -7.77
CA ILE A 287 -19.11 1.94 -8.37
C ILE A 287 -18.57 1.11 -9.54
N THR A 288 -19.16 -0.05 -9.82
CA THR A 288 -18.58 -1.00 -10.76
C THR A 288 -18.22 -0.36 -12.09
N GLY A 289 -16.96 -0.52 -12.49
CA GLY A 289 -16.47 -0.05 -13.78
C GLY A 289 -16.29 1.44 -13.91
N LYS A 290 -16.54 2.24 -12.86
CA LYS A 290 -16.45 3.69 -12.97
C LYS A 290 -15.47 4.39 -12.01
N VAL A 291 -14.78 3.64 -11.13
CA VAL A 291 -13.96 4.27 -10.10
C VAL A 291 -12.86 5.15 -10.69
N ASN A 292 -12.77 6.40 -10.21
CA ASN A 292 -11.64 7.28 -10.52
C ASN A 292 -11.01 7.90 -9.28
N THR A 293 -11.48 7.56 -8.08
CA THR A 293 -11.00 8.15 -6.84
C THR A 293 -10.83 7.04 -5.83
N LEU A 294 -9.61 6.92 -5.29
CA LEU A 294 -9.25 5.87 -4.34
C LEU A 294 -8.98 6.50 -3.00
N VAL A 295 -9.73 6.07 -1.97
CA VAL A 295 -9.50 6.51 -0.62
C VAL A 295 -8.83 5.41 0.17
N PHE A 296 -7.62 5.70 0.64
CA PHE A 296 -6.85 4.69 1.34
C PHE A 296 -7.21 4.68 2.83
N PRO A 297 -7.03 3.54 3.49
CA PRO A 297 -7.46 3.43 4.90
C PRO A 297 -6.50 4.04 5.91
N ASP A 298 -5.27 4.29 5.53
CA ASP A 298 -4.28 4.88 6.42
C ASP A 298 -3.10 5.38 5.58
N LEU A 299 -2.19 6.08 6.22
CA LEU A 299 -1.17 6.82 5.49
C LEU A 299 -0.08 5.92 4.94
N SER A 300 0.25 4.81 5.62
CA SER A 300 1.21 3.90 5.06
C SER A 300 0.69 3.27 3.77
N SER A 301 -0.58 2.85 3.77
CA SER A 301 -1.12 2.21 2.57
C SER A 301 -1.17 3.22 1.42
N GLY A 302 -1.55 4.45 1.70
CA GLY A 302 -1.59 5.44 0.61
C GLY A 302 -0.23 5.97 0.17
N ASN A 303 0.65 6.26 1.12
CA ASN A 303 1.97 6.75 0.76
C ASN A 303 2.79 5.70 0.00
N ILE A 304 2.79 4.46 0.48
CA ILE A 304 3.41 3.35 -0.26
C ILE A 304 2.71 3.13 -1.60
N GLY A 305 1.37 3.12 -1.60
CA GLY A 305 0.62 2.79 -2.80
C GLY A 305 0.87 3.71 -3.98
N TYR A 306 0.78 5.03 -3.75
CA TYR A 306 0.97 5.93 -4.88
C TYR A 306 2.40 5.88 -5.38
N LYS A 307 3.36 5.69 -4.49
CA LYS A 307 4.75 5.57 -4.92
C LYS A 307 4.98 4.27 -5.70
N LEU A 308 4.29 3.20 -5.32
CA LEU A 308 4.40 1.96 -6.08
C LEU A 308 3.97 2.22 -7.52
N VAL A 309 2.86 2.94 -7.70
CA VAL A 309 2.37 3.17 -9.04
C VAL A 309 3.32 4.10 -9.80
N GLN A 310 3.81 5.13 -9.13
CA GLN A 310 4.74 6.06 -9.77
C GLN A 310 6.03 5.36 -10.18
N ARG A 311 6.63 4.59 -9.28
CA ARG A 311 7.99 4.11 -9.48
C ARG A 311 8.09 2.77 -10.23
N LEU A 312 7.03 1.96 -10.24
CA LEU A 312 7.05 0.68 -10.94
C LEU A 312 6.16 0.69 -12.18
N SER A 313 5.81 1.86 -12.71
CA SER A 313 5.06 1.90 -13.95
C SER A 313 5.37 3.20 -14.66
N ASP A 314 4.76 3.38 -15.82
CA ASP A 314 4.94 4.62 -16.57
C ASP A 314 4.04 5.75 -16.08
N ALA A 315 3.36 5.55 -14.97
CA ALA A 315 2.48 6.56 -14.41
C ALA A 315 3.27 7.76 -13.89
N ASP A 316 2.66 8.93 -13.97
CA ASP A 316 3.14 10.16 -13.33
C ASP A 316 2.26 10.46 -12.11
N ALA A 317 2.87 11.02 -11.08
CA ALA A 317 2.14 11.42 -9.88
C ALA A 317 2.33 12.92 -9.71
N TYR A 318 1.23 13.64 -9.55
CA TYR A 318 1.24 15.08 -9.32
C TYR A 318 0.68 15.36 -7.94
N GLY A 319 1.41 16.16 -7.15
CA GLY A 319 1.01 16.56 -5.81
C GLY A 319 2.19 16.47 -4.87
N PRO A 320 1.92 16.42 -3.55
CA PRO A 320 0.58 16.32 -2.94
C PRO A 320 -0.14 17.66 -2.99
N PHE A 321 -1.43 17.60 -3.21
CA PHE A 321 -2.29 18.79 -3.25
C PHE A 321 -3.15 18.77 -2.01
N LEU A 322 -3.14 19.85 -1.26
CA LEU A 322 -3.93 19.94 -0.03
C LEU A 322 -5.39 20.16 -0.41
N GLN A 323 -6.28 19.68 0.45
CA GLN A 323 -7.71 19.74 0.18
C GLN A 323 -8.42 19.92 1.53
N GLY A 324 -9.63 20.43 1.46
CA GLY A 324 -10.41 20.65 2.67
C GLY A 324 -10.21 22.00 3.33
N PHE A 325 -9.18 22.75 2.95
CA PHE A 325 -8.98 24.07 3.50
C PHE A 325 -10.02 25.05 2.94
N ALA A 326 -10.43 26.01 3.80
CA ALA A 326 -11.41 26.99 3.39
C ALA A 326 -10.90 27.82 2.23
N LYS A 327 -9.61 28.08 2.17
CA LYS A 327 -8.99 28.73 1.03
C LYS A 327 -7.71 27.99 0.68
N PRO A 328 -7.36 27.94 -0.60
CA PRO A 328 -6.34 26.96 -1.01
C PRO A 328 -4.93 27.36 -0.67
N LEU A 329 -4.17 26.37 -0.22
CA LEU A 329 -2.75 26.54 0.04
C LEU A 329 -2.03 25.27 -0.39
N SER A 330 -0.74 25.41 -0.56
CA SER A 330 0.11 24.29 -0.94
C SER A 330 1.40 24.35 -0.13
N ASP A 331 1.90 23.19 0.22
CA ASP A 331 3.18 23.00 0.88
C ASP A 331 4.17 22.31 -0.05
N LEU A 332 5.24 23.01 -0.35
CA LEU A 332 6.30 22.56 -1.24
C LEU A 332 7.31 21.69 -0.49
N SER A 333 8.04 20.88 -1.26
CA SER A 333 9.24 20.25 -0.73
C SER A 333 10.33 21.30 -0.56
N ARG A 334 11.15 21.12 0.47
CA ARG A 334 12.22 22.09 0.68
C ARG A 334 13.30 22.02 -0.42
N GLY A 335 13.44 20.90 -1.10
CA GLY A 335 14.34 20.86 -2.25
C GLY A 335 13.70 21.13 -3.59
N CYS A 336 12.66 21.97 -3.67
CA CYS A 336 11.89 22.04 -4.90
C CYS A 336 12.57 22.95 -5.92
N SER A 337 12.36 22.65 -7.19
CA SER A 337 12.76 23.50 -8.29
C SER A 337 11.84 24.71 -8.46
N VAL A 338 12.34 25.72 -9.18
CA VAL A 338 11.49 26.86 -9.53
C VAL A 338 10.23 26.39 -10.23
N GLU A 339 10.34 25.43 -11.16
CA GLU A 339 9.16 25.03 -11.92
C GLU A 339 8.17 24.28 -11.05
N ASP A 340 8.65 23.52 -10.06
CA ASP A 340 7.76 22.93 -9.06
C ASP A 340 6.96 24.02 -8.34
N ILE A 341 7.61 25.12 -7.96
CA ILE A 341 6.89 26.22 -7.35
C ILE A 341 5.82 26.75 -8.29
N VAL A 342 6.18 26.99 -9.55
CA VAL A 342 5.20 27.53 -10.50
C VAL A 342 4.01 26.59 -10.63
N ALA A 343 4.30 25.29 -10.78
CA ALA A 343 3.26 24.28 -10.91
C ALA A 343 2.33 24.25 -9.69
N ALA A 344 2.91 24.33 -8.49
CA ALA A 344 2.09 24.36 -7.28
C ALA A 344 1.22 25.61 -7.20
N CYS A 345 1.74 26.75 -7.65
CA CYS A 345 0.94 27.96 -7.64
C CYS A 345 -0.23 27.85 -8.59
N ALA A 346 0.00 27.32 -9.79
CA ALA A 346 -1.07 27.20 -10.76
C ALA A 346 -2.19 26.33 -10.22
N VAL A 347 -1.84 25.17 -9.64
CA VAL A 347 -2.86 24.25 -9.15
C VAL A 347 -3.68 24.90 -8.03
N THR A 348 -2.99 25.58 -7.09
CA THR A 348 -3.68 26.22 -5.97
C THR A 348 -4.58 27.36 -6.45
N LEU A 349 -4.15 28.13 -7.46
CA LEU A 349 -5.01 29.14 -8.04
C LEU A 349 -6.24 28.54 -8.72
N VAL A 350 -6.07 27.40 -9.42
CA VAL A 350 -7.20 26.72 -10.04
C VAL A 350 -8.14 26.17 -8.98
N GLN A 351 -7.61 25.78 -7.83
CA GLN A 351 -8.46 25.34 -6.73
C GLN A 351 -9.33 26.46 -6.16
N SER A 352 -8.93 27.72 -6.27
CA SER A 352 -9.74 28.75 -5.63
C SER A 352 -11.02 29.14 -6.42
N MET B 20 12.26 -17.65 -20.73
CA MET B 20 11.48 -18.67 -19.97
C MET B 20 10.58 -18.08 -18.88
N THR B 21 9.26 -18.29 -19.00
CA THR B 21 8.33 -17.67 -18.06
C THR B 21 8.61 -18.16 -16.64
N PHE B 22 7.93 -17.54 -15.66
CA PHE B 22 8.12 -17.94 -14.27
C PHE B 22 7.48 -19.29 -13.99
N VAL B 23 6.31 -19.55 -14.56
CA VAL B 23 5.62 -20.81 -14.28
C VAL B 23 6.37 -21.99 -14.91
N GLU B 24 6.96 -21.76 -16.08
CA GLU B 24 7.74 -22.80 -16.75
C GLU B 24 9.06 -23.03 -16.04
N SER B 25 9.65 -21.96 -15.50
CA SER B 25 10.88 -22.09 -14.73
C SER B 25 10.66 -22.97 -13.50
N MET B 26 9.57 -22.73 -12.78
CA MET B 26 9.28 -23.52 -11.57
C MET B 26 8.94 -24.96 -11.92
N GLN B 27 8.19 -25.17 -13.01
CA GLN B 27 7.87 -26.53 -13.46
C GLN B 27 9.14 -27.30 -13.77
N ARG B 28 10.05 -26.68 -14.51
CA ARG B 28 11.34 -27.32 -14.81
C ARG B 28 12.11 -27.64 -13.53
N ARG B 29 12.12 -26.70 -12.59
CA ARG B 29 12.92 -26.90 -11.38
C ARG B 29 12.35 -27.99 -10.48
N ALA B 30 11.02 -28.15 -10.47
CA ALA B 30 10.43 -29.22 -9.71
C ALA B 30 10.81 -30.57 -10.31
N VAL B 31 10.87 -30.65 -11.64
CA VAL B 31 11.29 -31.89 -12.30
C VAL B 31 12.70 -32.24 -11.86
N LEU B 32 13.61 -31.26 -11.84
CA LEU B 32 14.97 -31.54 -11.38
C LEU B 32 15.01 -31.91 -9.91
N ALA B 33 14.12 -31.34 -9.12
CA ALA B 33 14.20 -31.53 -7.67
C ALA B 33 13.71 -32.91 -7.21
N GLN B 34 12.80 -33.53 -7.96
CA GLN B 34 12.33 -34.91 -7.70
C GLN B 34 11.99 -35.14 -6.23
N LYS B 35 10.97 -34.42 -5.76
CA LYS B 35 10.49 -34.47 -4.39
C LYS B 35 9.15 -35.20 -4.31
N ARG B 36 8.71 -35.43 -3.08
CA ARG B 36 7.49 -36.19 -2.79
C ARG B 36 6.33 -35.26 -2.45
N LEU B 37 5.26 -35.37 -3.26
CA LEU B 37 4.04 -34.56 -3.15
C LEU B 37 2.93 -35.34 -2.48
N VAL B 38 2.18 -34.67 -1.59
CA VAL B 38 1.01 -35.27 -0.95
C VAL B 38 -0.22 -34.40 -1.19
N LEU B 39 -1.32 -35.06 -1.58
CA LEU B 39 -2.56 -34.41 -1.96
C LEU B 39 -3.74 -34.96 -1.16
N PRO B 40 -4.20 -34.23 -0.14
CA PRO B 40 -5.31 -34.74 0.67
C PRO B 40 -6.68 -34.59 0.07
N GLU B 41 -6.84 -33.82 -1.00
CA GLU B 41 -8.14 -33.65 -1.65
C GLU B 41 -8.28 -34.60 -2.83
N ALA B 42 -7.86 -35.84 -2.62
CA ALA B 42 -7.75 -36.84 -3.67
C ALA B 42 -9.09 -37.32 -4.19
N CYS B 43 -10.19 -37.01 -3.51
CA CYS B 43 -11.51 -37.30 -4.05
C CYS B 43 -12.08 -36.17 -4.87
N GLU B 44 -11.33 -35.11 -5.09
CA GLU B 44 -11.77 -34.00 -5.90
C GLU B 44 -11.23 -34.19 -7.31
N GLN B 45 -12.08 -33.93 -8.30
CA GLN B 45 -11.76 -34.26 -9.68
C GLN B 45 -10.59 -33.43 -10.22
N ARG B 46 -10.61 -32.11 -9.99
CA ARG B 46 -9.51 -31.29 -10.50
C ARG B 46 -8.18 -31.75 -9.93
N THR B 47 -8.17 -32.14 -8.65
CA THR B 47 -6.94 -32.59 -8.00
C THR B 47 -6.41 -33.87 -8.64
N LEU B 48 -7.31 -34.82 -8.95
CA LEU B 48 -6.86 -36.04 -9.62
C LEU B 48 -6.42 -35.75 -11.06
N GLU B 49 -7.12 -34.85 -11.75
CA GLU B 49 -6.66 -34.49 -13.09
C GLU B 49 -5.29 -33.81 -13.02
N ALA B 50 -5.08 -32.97 -12.00
CA ALA B 50 -3.76 -32.37 -11.81
C ALA B 50 -2.72 -33.43 -11.49
N ALA B 51 -3.04 -34.33 -10.55
CA ALA B 51 -2.12 -35.41 -10.21
C ALA B 51 -1.63 -36.14 -11.47
N ARG B 52 -2.52 -36.38 -12.44
N ARG B 52 -2.53 -36.38 -12.41
CA ARG B 52 -2.10 -37.11 -13.64
CA ARG B 52 -2.16 -37.08 -13.65
C ARG B 52 -1.09 -36.30 -14.45
C ARG B 52 -1.11 -36.30 -14.43
N LEU B 53 -1.35 -35.00 -14.63
CA LEU B 53 -0.39 -34.15 -15.33
C LEU B 53 0.95 -34.14 -14.61
N ILE B 54 0.92 -34.12 -13.28
CA ILE B 54 2.17 -34.11 -12.50
C ILE B 54 2.98 -35.37 -12.76
N VAL B 55 2.31 -36.53 -12.79
CA VAL B 55 3.01 -37.77 -13.12
C VAL B 55 3.52 -37.72 -14.55
N PHE B 56 2.64 -37.30 -15.47
CA PHE B 56 2.97 -37.25 -16.90
C PHE B 56 4.16 -36.33 -17.16
N ARG B 57 4.28 -35.22 -16.43
CA ARG B 57 5.37 -34.27 -16.62
C ARG B 57 6.56 -34.54 -15.70
N ASN B 58 6.51 -35.64 -14.94
CA ASN B 58 7.54 -35.98 -13.95
C ASN B 58 7.88 -34.79 -13.02
N ILE B 59 6.85 -34.07 -12.58
CA ILE B 59 7.07 -32.92 -11.70
C ILE B 59 7.36 -33.36 -10.27
N ALA B 60 7.01 -34.60 -9.91
CA ALA B 60 7.28 -35.15 -8.60
C ALA B 60 7.86 -36.54 -8.74
N ALA B 61 8.70 -36.92 -7.78
CA ALA B 61 9.17 -38.29 -7.67
C ALA B 61 8.06 -39.22 -7.21
N LYS B 62 7.24 -38.78 -6.26
CA LYS B 62 6.14 -39.59 -5.74
C LYS B 62 4.91 -38.70 -5.59
N VAL B 63 3.75 -39.22 -6.01
CA VAL B 63 2.47 -38.57 -5.80
C VAL B 63 1.61 -39.43 -4.88
N PHE B 64 1.43 -38.97 -3.65
CA PHE B 64 0.61 -39.62 -2.65
C PHE B 64 -0.79 -39.00 -2.64
N LEU B 65 -1.79 -39.83 -2.88
CA LEU B 65 -3.19 -39.46 -2.73
C LEU B 65 -3.67 -39.96 -1.37
N VAL B 66 -4.11 -39.04 -0.50
CA VAL B 66 -4.43 -39.39 0.87
C VAL B 66 -5.94 -39.40 1.00
N GLY B 67 -6.48 -40.51 1.49
CA GLY B 67 -7.91 -40.60 1.71
C GLY B 67 -8.37 -42.03 1.73
N CYS B 68 -9.69 -42.17 1.86
CA CYS B 68 -10.35 -43.47 1.74
C CYS B 68 -10.09 -44.05 0.34
N GLU B 69 -9.31 -45.15 0.27
CA GLU B 69 -8.93 -45.70 -1.02
C GLU B 69 -10.15 -45.90 -1.93
N ARG B 70 -11.27 -46.28 -1.33
CA ARG B 70 -12.46 -46.60 -2.12
C ARG B 70 -13.11 -45.34 -2.66
N ASP B 71 -13.21 -44.31 -1.84
CA ASP B 71 -13.71 -43.02 -2.32
C ASP B 71 -12.82 -42.44 -3.40
N ILE B 72 -11.51 -42.59 -3.26
CA ILE B 72 -10.56 -42.10 -4.28
C ILE B 72 -10.70 -42.90 -5.57
N LYS B 73 -10.65 -44.24 -5.47
CA LYS B 73 -10.84 -45.05 -6.67
C LYS B 73 -12.19 -44.76 -7.31
N ASN B 74 -13.24 -44.58 -6.49
CA ASN B 74 -14.56 -44.28 -7.03
C ASN B 74 -14.55 -42.98 -7.83
N THR B 75 -13.96 -41.92 -7.26
CA THR B 75 -13.86 -40.67 -8.01
C THR B 75 -13.12 -40.89 -9.32
N ALA B 76 -11.97 -41.55 -9.25
CA ALA B 76 -11.17 -41.81 -10.44
C ALA B 76 -12.00 -42.51 -11.50
N ASP B 77 -12.69 -43.60 -11.13
CA ASP B 77 -13.48 -44.34 -12.11
C ASP B 77 -14.61 -43.48 -12.67
N ARG B 78 -15.28 -42.70 -11.83
CA ARG B 78 -16.38 -41.88 -12.34
C ARG B 78 -15.91 -40.85 -13.37
N CYS B 79 -14.66 -40.36 -13.23
CA CYS B 79 -14.13 -39.33 -14.09
C CYS B 79 -13.24 -39.85 -15.21
N GLY B 80 -12.85 -41.13 -15.17
CA GLY B 80 -12.01 -41.70 -16.19
C GLY B 80 -10.54 -41.36 -16.05
N ILE B 81 -10.01 -41.37 -14.83
CA ILE B 81 -8.65 -40.93 -14.53
C ILE B 81 -7.81 -42.12 -14.11
N ASP B 82 -6.67 -42.29 -14.76
CA ASP B 82 -5.76 -43.39 -14.45
C ASP B 82 -4.84 -42.98 -13.31
N LEU B 83 -4.68 -43.87 -12.32
CA LEU B 83 -3.97 -43.60 -11.09
C LEU B 83 -2.65 -44.35 -10.97
N THR B 84 -2.12 -44.86 -12.08
CA THR B 84 -1.26 -46.04 -12.00
C THR B 84 0.03 -45.77 -11.23
N ASP B 85 0.72 -44.69 -11.56
CA ASP B 85 1.99 -44.37 -10.92
C ASP B 85 1.81 -43.47 -9.70
N MET B 86 0.59 -43.37 -9.18
CA MET B 86 0.30 -42.69 -7.94
C MET B 86 0.08 -43.73 -6.84
N VAL B 87 0.31 -43.31 -5.61
CA VAL B 87 0.24 -44.19 -4.45
C VAL B 87 -0.85 -43.69 -3.52
N VAL B 88 -1.88 -44.53 -3.35
CA VAL B 88 -2.96 -44.23 -2.41
C VAL B 88 -2.49 -44.57 -1.01
N ILE B 89 -2.54 -43.61 -0.11
CA ILE B 89 -2.16 -43.82 1.27
C ILE B 89 -3.42 -43.59 2.10
N ASP B 90 -3.95 -44.66 2.68
CA ASP B 90 -5.26 -44.63 3.31
C ASP B 90 -5.05 -44.43 4.80
N PRO B 91 -5.47 -43.29 5.38
CA PRO B 91 -5.24 -43.08 6.81
C PRO B 91 -5.83 -44.16 7.69
N SER B 92 -6.73 -45.00 7.17
CA SER B 92 -7.37 -46.04 7.97
C SER B 92 -6.51 -47.28 8.12
N VAL B 93 -5.62 -47.54 7.17
CA VAL B 93 -4.88 -48.81 7.18
C VAL B 93 -3.39 -48.56 7.08
N SER B 94 -2.98 -47.31 6.87
CA SER B 94 -1.56 -47.03 6.70
C SER B 94 -0.75 -47.56 7.87
N LYS B 95 0.44 -48.05 7.56
CA LYS B 95 1.37 -48.51 8.59
C LYS B 95 1.74 -47.40 9.57
N HIS B 96 1.60 -46.12 9.21
CA HIS B 96 1.93 -45.04 10.15
C HIS B 96 0.75 -44.63 11.02
N ARG B 97 -0.41 -45.26 10.81
CA ARG B 97 -1.63 -45.00 11.58
C ARG B 97 -1.36 -44.74 13.05
N ASP B 98 -0.73 -45.69 13.75
CA ASP B 98 -0.65 -45.57 15.19
C ASP B 98 0.39 -44.54 15.62
N GLN B 99 1.49 -44.44 14.88
CA GLN B 99 2.48 -43.43 15.22
C GLN B 99 1.93 -42.02 14.99
N PHE B 100 1.18 -41.82 13.90
CA PHE B 100 0.66 -40.48 13.64
C PHE B 100 -0.33 -40.08 14.74
N ALA B 101 -1.14 -41.05 15.22
CA ALA B 101 -2.11 -40.75 16.27
C ALA B 101 -1.40 -40.35 17.55
N GLU B 102 -0.31 -41.04 17.89
CA GLU B 102 0.44 -40.70 19.08
C GLU B 102 1.07 -39.32 18.95
N ARG B 103 1.64 -39.04 17.79
CA ARG B 103 2.26 -37.73 17.55
C ARG B 103 1.21 -36.61 17.69
N TYR B 104 0.05 -36.79 17.08
CA TYR B 104 -1.00 -35.77 17.21
C TYR B 104 -1.43 -35.64 18.66
N PHE B 105 -1.55 -36.76 19.37
CA PHE B 105 -1.93 -36.71 20.77
C PHE B 105 -0.92 -35.90 21.57
N GLN B 106 0.38 -36.13 21.35
CA GLN B 106 1.37 -35.36 22.09
C GLN B 106 1.29 -33.87 21.75
N LYS B 107 1.00 -33.54 20.49
CA LYS B 107 0.91 -32.14 20.09
C LYS B 107 -0.30 -31.47 20.73
N ARG B 108 -1.42 -32.20 20.86
CA ARG B 108 -2.71 -31.59 21.19
C ARG B 108 -3.26 -31.96 22.56
N LYS B 109 -2.57 -32.80 23.32
CA LYS B 109 -3.13 -33.20 24.60
C LYS B 109 -3.31 -32.03 25.55
N HIS B 110 -2.60 -30.92 25.32
CA HIS B 110 -2.75 -29.76 26.21
C HIS B 110 -4.11 -29.07 26.04
N LYS B 111 -4.87 -29.41 25.00
CA LYS B 111 -6.24 -28.96 24.86
C LYS B 111 -7.26 -29.94 25.44
N GLY B 112 -6.79 -31.00 26.10
CA GLY B 112 -7.66 -31.92 26.82
C GLY B 112 -8.21 -33.09 26.03
N ILE B 113 -7.74 -33.32 24.80
CA ILE B 113 -8.32 -34.39 24.00
C ILE B 113 -7.77 -35.74 24.45
N SER B 114 -8.49 -36.81 24.11
CA SER B 114 -8.03 -38.15 24.41
C SER B 114 -7.18 -38.70 23.28
N LEU B 115 -6.47 -39.79 23.55
CA LEU B 115 -5.75 -40.48 22.48
C LEU B 115 -6.70 -41.02 21.41
N ALA B 116 -7.87 -41.49 21.80
CA ALA B 116 -8.77 -42.01 20.77
C ALA B 116 -9.30 -40.89 19.90
N GLN B 117 -9.57 -39.71 20.50
CA GLN B 117 -9.96 -38.58 19.67
C GLN B 117 -8.82 -38.20 18.73
N ALA B 118 -7.58 -38.21 19.24
CA ALA B 118 -6.45 -37.92 18.35
C ALA B 118 -6.40 -38.88 17.18
N ALA B 119 -6.67 -40.17 17.44
CA ALA B 119 -6.68 -41.16 16.36
C ALA B 119 -7.77 -40.88 15.34
N GLU B 120 -8.97 -40.58 15.82
CA GLU B 120 -10.02 -40.19 14.88
C GLU B 120 -9.64 -38.92 14.13
N ASP B 121 -9.08 -37.93 14.83
CA ASP B 121 -8.66 -36.70 14.14
C ASP B 121 -7.67 -37.02 13.01
N MET B 122 -6.80 -38.02 13.22
CA MET B 122 -5.78 -38.31 12.21
C MET B 122 -6.26 -39.22 11.10
N ARG B 123 -7.55 -39.55 11.06
CA ARG B 123 -8.12 -40.14 9.86
C ARG B 123 -8.51 -39.09 8.83
N ASP B 124 -8.60 -37.83 9.22
CA ASP B 124 -8.86 -36.75 8.28
C ASP B 124 -7.73 -36.66 7.27
N PRO B 125 -8.03 -36.67 5.97
CA PRO B 125 -6.92 -36.64 5.00
C PRO B 125 -6.01 -35.41 5.15
N LEU B 126 -6.58 -34.22 5.40
CA LEU B 126 -5.74 -33.03 5.50
C LEU B 126 -4.79 -33.15 6.67
N ARG B 127 -5.28 -33.58 7.84
CA ARG B 127 -4.37 -33.73 8.97
C ARG B 127 -3.33 -34.79 8.69
N PHE B 128 -3.72 -35.85 8.00
CA PHE B 128 -2.80 -36.95 7.75
C PHE B 128 -1.69 -36.52 6.78
N ALA B 129 -2.06 -35.78 5.72
CA ALA B 129 -1.06 -35.25 4.80
C ALA B 129 -0.07 -34.32 5.53
N ALA B 130 -0.58 -33.38 6.33
CA ALA B 130 0.35 -32.52 7.06
C ALA B 130 1.27 -33.35 7.95
N MET B 131 0.74 -34.41 8.57
CA MET B 131 1.58 -35.23 9.44
C MET B 131 2.64 -35.99 8.64
N MET B 132 2.36 -36.34 7.38
N MET B 132 2.34 -36.36 7.39
CA MET B 132 3.40 -36.96 6.56
CA MET B 132 3.36 -36.94 6.53
C MET B 132 4.58 -36.01 6.35
C MET B 132 4.57 -36.01 6.40
N LEU B 133 4.31 -34.71 6.21
CA LEU B 133 5.40 -33.75 6.16
C LEU B 133 6.16 -33.71 7.47
N ASP B 134 5.44 -33.59 8.58
CA ASP B 134 6.08 -33.45 9.89
C ASP B 134 6.95 -34.66 10.19
N GLN B 135 6.55 -35.83 9.75
CA GLN B 135 7.20 -37.07 10.10
C GLN B 135 8.20 -37.55 9.06
N GLY B 136 8.36 -36.80 7.96
CA GLY B 136 9.43 -37.10 7.02
C GLY B 136 9.10 -38.00 5.87
N HIS B 137 7.81 -38.24 5.59
CA HIS B 137 7.40 -39.18 4.54
C HIS B 137 6.96 -38.50 3.25
N ALA B 138 6.85 -37.17 3.25
CA ALA B 138 6.65 -36.43 2.02
C ALA B 138 7.27 -35.04 2.21
N ASP B 139 7.41 -34.31 1.11
CA ASP B 139 8.14 -33.05 1.11
C ASP B 139 7.25 -31.81 0.95
N ALA B 140 6.11 -31.94 0.32
CA ALA B 140 5.27 -30.79 -0.02
C ALA B 140 3.81 -31.20 -0.02
N MET B 141 2.95 -30.31 0.48
CA MET B 141 1.50 -30.54 0.53
C MET B 141 0.76 -29.39 -0.15
N VAL B 142 -0.25 -29.74 -0.92
CA VAL B 142 -1.12 -28.79 -1.57
C VAL B 142 -2.56 -29.17 -1.25
N ALA B 143 -3.35 -28.18 -0.89
CA ALA B 143 -4.75 -28.38 -0.54
C ALA B 143 -5.46 -27.04 -0.77
N GLY B 144 -6.77 -27.03 -0.54
CA GLY B 144 -7.57 -25.82 -0.60
C GLY B 144 -8.52 -25.74 -1.75
N ALA B 145 -8.45 -26.67 -2.72
CA ALA B 145 -9.47 -26.73 -3.76
C ALA B 145 -10.86 -26.95 -3.17
N GLU B 146 -10.95 -27.68 -2.05
CA GLU B 146 -12.23 -27.92 -1.41
C GLU B 146 -12.15 -27.80 0.12
N ASN B 147 -11.07 -27.24 0.67
CA ASN B 147 -11.00 -26.89 2.08
C ASN B 147 -10.85 -25.38 2.21
N THR B 148 -11.35 -24.84 3.30
CA THR B 148 -11.18 -23.42 3.56
C THR B 148 -9.71 -23.10 3.85
N THR B 149 -9.33 -21.86 3.53
CA THR B 149 -7.99 -21.42 3.86
C THR B 149 -7.72 -21.61 5.33
N ALA B 150 -8.71 -21.32 6.16
CA ALA B 150 -8.51 -21.40 7.61
C ALA B 150 -8.17 -22.83 8.03
N ARG B 151 -8.88 -23.82 7.46
CA ARG B 151 -8.61 -25.23 7.75
C ARG B 151 -7.20 -25.62 7.33
N VAL B 152 -6.81 -25.24 6.11
CA VAL B 152 -5.48 -25.59 5.61
C VAL B 152 -4.41 -24.95 6.48
N LEU B 153 -4.58 -23.67 6.82
CA LEU B 153 -3.58 -23.02 7.63
C LEU B 153 -3.53 -23.60 9.03
N ARG B 154 -4.68 -23.97 9.58
CA ARG B 154 -4.65 -24.47 10.95
C ARG B 154 -3.92 -25.80 11.02
N ALA B 155 -4.17 -26.67 10.03
CA ALA B 155 -3.42 -27.92 9.91
C ALA B 155 -1.93 -27.62 9.82
N GLY B 156 -1.56 -26.69 8.93
CA GLY B 156 -0.17 -26.26 8.86
C GLY B 156 0.40 -25.87 10.21
N LEU B 157 -0.27 -24.99 10.94
CA LEU B 157 0.33 -24.47 12.15
C LEU B 157 0.32 -25.49 13.30
N THR B 158 -0.75 -26.29 13.43
CA THR B 158 -0.84 -27.17 14.58
C THR B 158 -0.01 -28.45 14.39
N ILE B 159 0.21 -28.86 13.16
CA ILE B 159 0.87 -30.14 12.85
C ILE B 159 2.28 -29.92 12.32
N ILE B 160 2.44 -29.10 11.28
CA ILE B 160 3.74 -28.91 10.65
C ILE B 160 4.60 -27.91 11.44
N GLY B 161 4.00 -26.78 11.85
CA GLY B 161 4.75 -25.80 12.61
C GLY B 161 5.62 -24.94 11.69
N THR B 162 6.35 -24.02 12.32
CA THR B 162 7.20 -23.09 11.59
C THR B 162 8.67 -23.50 11.63
N LEU B 163 9.44 -22.96 10.68
CA LEU B 163 10.88 -23.11 10.72
C LEU B 163 11.40 -22.54 12.04
N PRO B 164 12.58 -23.01 12.49
CA PRO B 164 13.08 -22.51 13.78
C PRO B 164 13.44 -21.03 13.76
N SER B 165 13.67 -20.44 12.59
CA SER B 165 14.06 -19.05 12.53
C SER B 165 12.89 -18.09 12.70
N VAL B 166 11.65 -18.58 12.83
CA VAL B 166 10.47 -17.72 12.95
C VAL B 166 9.42 -18.40 13.82
N LYS B 167 8.51 -17.59 14.37
CA LYS B 167 7.37 -18.09 15.13
C LYS B 167 6.08 -17.84 14.38
N THR B 168 6.17 -17.37 13.14
CA THR B 168 5.02 -16.89 12.40
C THR B 168 5.06 -17.43 10.99
N ALA B 169 3.97 -17.96 10.53
CA ALA B 169 3.84 -18.25 9.12
C ALA B 169 3.18 -17.05 8.43
N SER B 170 3.60 -16.80 7.20
CA SER B 170 3.06 -15.67 6.44
C SER B 170 3.00 -16.05 4.97
N SER B 171 2.93 -15.05 4.09
CA SER B 171 2.86 -15.32 2.66
C SER B 171 3.60 -14.22 1.90
N CYS B 172 3.91 -14.48 0.63
CA CYS B 172 4.43 -13.45 -0.25
C CYS B 172 3.79 -13.58 -1.62
N PHE B 173 4.01 -12.56 -2.44
CA PHE B 173 3.79 -12.62 -3.89
C PHE B 173 5.13 -12.41 -4.58
N VAL B 174 5.32 -13.09 -5.69
CA VAL B 174 6.43 -12.82 -6.60
C VAL B 174 5.87 -11.88 -7.65
N MET B 175 6.42 -10.66 -7.72
CA MET B 175 5.98 -9.63 -8.65
C MET B 175 7.02 -9.54 -9.77
N ASP B 176 6.57 -9.67 -11.01
CA ASP B 176 7.44 -9.55 -12.17
C ASP B 176 6.99 -8.33 -12.94
N THR B 177 7.77 -7.25 -12.86
CA THR B 177 7.45 -6.04 -13.61
C THR B 177 7.70 -6.16 -15.11
N ASN B 178 8.42 -7.20 -15.55
CA ASN B 178 8.75 -7.40 -16.97
C ASN B 178 9.54 -6.21 -17.52
N ASN B 179 10.55 -5.75 -16.75
CA ASN B 179 11.31 -4.57 -17.12
C ASN B 179 12.60 -4.46 -16.28
N PRO B 180 13.69 -5.10 -16.74
CA PRO B 180 14.93 -5.13 -15.94
C PRO B 180 15.43 -3.83 -15.34
N ARG B 181 15.08 -2.65 -15.87
CA ARG B 181 15.58 -1.39 -15.33
C ARG B 181 14.82 -0.90 -14.10
N LEU B 182 13.62 -1.45 -13.83
CA LEU B 182 12.85 -1.01 -12.67
C LEU B 182 13.49 -1.41 -11.35
N GLY B 183 14.56 -2.20 -11.39
CA GLY B 183 15.24 -2.59 -10.17
C GLY B 183 14.99 -4.05 -9.89
N GLY B 184 14.89 -4.40 -8.60
CA GLY B 184 14.75 -5.78 -8.27
C GLY B 184 15.88 -6.57 -8.88
N THR B 185 15.60 -7.85 -9.11
CA THR B 185 16.53 -8.79 -9.72
C THR B 185 15.95 -9.06 -11.11
N ARG B 186 16.36 -8.23 -12.08
CA ARG B 186 15.88 -8.35 -13.46
C ARG B 186 14.37 -8.08 -13.52
N GLY B 187 13.91 -7.11 -12.72
CA GLY B 187 12.51 -6.76 -12.65
C GLY B 187 11.64 -7.56 -11.71
N LEU B 188 12.20 -8.48 -10.92
CA LEU B 188 11.43 -9.34 -10.04
C LEU B 188 11.55 -8.86 -8.59
N PHE B 189 10.44 -8.92 -7.85
CA PHE B 189 10.40 -8.53 -6.46
C PHE B 189 9.59 -9.54 -5.66
N ILE B 190 9.94 -9.69 -4.39
CA ILE B 190 9.07 -10.31 -3.40
C ILE B 190 8.29 -9.20 -2.68
N PHE B 191 6.96 -9.31 -2.66
CA PHE B 191 6.09 -8.47 -1.82
C PHE B 191 5.54 -9.33 -0.68
N SER B 192 5.58 -8.83 0.55
CA SER B 192 5.17 -9.63 1.72
C SER B 192 4.89 -8.71 2.89
N ASP B 193 3.90 -9.06 3.74
CA ASP B 193 2.90 -10.14 3.63
C ASP B 193 1.58 -9.51 3.20
N CYS B 194 1.16 -9.85 2.00
CA CYS B 194 0.03 -9.20 1.34
C CYS B 194 -1.24 -10.03 1.43
N ALA B 195 -1.24 -11.12 2.20
CA ALA B 195 -2.43 -11.95 2.25
C ALA B 195 -2.82 -12.51 3.61
N VAL B 196 -1.92 -12.62 4.59
CA VAL B 196 -2.25 -13.41 5.78
C VAL B 196 -2.42 -12.61 7.08
N ILE B 197 -1.36 -11.98 7.58
CA ILE B 197 -1.36 -11.38 8.92
C ILE B 197 -1.90 -9.94 8.82
N PRO B 198 -3.06 -9.63 9.43
CA PRO B 198 -3.61 -8.26 9.32
C PRO B 198 -2.76 -7.14 9.90
N THR B 199 -2.28 -7.26 11.14
CA THR B 199 -1.38 -6.24 11.70
C THR B 199 -0.21 -6.89 12.42
N PRO B 200 0.89 -7.15 11.72
CA PRO B 200 2.02 -7.81 12.36
C PRO B 200 2.53 -7.02 13.55
N THR B 201 2.79 -7.71 14.66
CA THR B 201 3.62 -7.15 15.72
C THR B 201 5.04 -6.96 15.21
N ALA B 202 5.88 -6.32 16.02
CA ALA B 202 7.25 -6.07 15.59
C ALA B 202 7.98 -7.39 15.42
N GLU B 203 7.76 -8.31 16.35
CA GLU B 203 8.33 -9.65 16.23
C GLU B 203 7.83 -10.35 14.97
N GLN B 204 6.53 -10.23 14.68
CA GLN B 204 6.00 -10.84 13.48
C GLN B 204 6.53 -10.19 12.20
N LEU B 205 6.72 -8.87 12.20
CA LEU B 205 7.27 -8.21 11.02
C LEU B 205 8.70 -8.68 10.76
N ALA B 206 9.49 -8.83 11.82
CA ALA B 206 10.82 -9.36 11.65
C ALA B 206 10.76 -10.78 11.07
N ASP B 207 9.81 -11.61 11.53
CA ASP B 207 9.66 -12.97 10.99
C ASP B 207 9.30 -12.92 9.51
N ILE B 208 8.33 -12.06 9.16
CA ILE B 208 7.95 -11.88 7.76
C ILE B 208 9.17 -11.53 6.92
N ALA B 209 10.03 -10.63 7.43
CA ALA B 209 11.24 -10.28 6.68
C ALA B 209 12.14 -11.48 6.47
N CYS B 210 12.32 -12.29 7.52
CA CYS B 210 13.15 -13.49 7.40
C CYS B 210 12.56 -14.45 6.37
N SER B 211 11.26 -14.68 6.44
CA SER B 211 10.64 -15.63 5.51
C SER B 211 10.63 -15.08 4.09
N ALA B 212 10.43 -13.76 3.94
CA ALA B 212 10.43 -13.18 2.61
C ALA B 212 11.81 -13.24 2.00
N ALA B 213 12.85 -13.13 2.81
CA ALA B 213 14.20 -13.29 2.29
C ALA B 213 14.44 -14.73 1.80
N GLU B 214 13.93 -15.70 2.55
CA GLU B 214 13.99 -17.10 2.09
C GLU B 214 13.28 -17.25 0.76
N SER B 215 12.09 -16.63 0.63
CA SER B 215 11.34 -16.80 -0.62
C SER B 215 12.05 -16.10 -1.77
N CYS B 216 12.69 -14.94 -1.53
CA CYS B 216 13.49 -14.32 -2.57
C CYS B 216 14.53 -15.29 -3.14
N ARG B 217 15.28 -15.96 -2.26
CA ARG B 217 16.29 -16.91 -2.75
C ARG B 217 15.64 -18.02 -3.56
N THR B 218 14.51 -18.55 -3.09
CA THR B 218 13.92 -19.70 -3.76
C THR B 218 13.32 -19.30 -5.10
N PHE B 219 12.61 -18.17 -5.16
CA PHE B 219 11.74 -17.88 -6.30
C PHE B 219 12.37 -16.94 -7.33
N ILE B 220 13.20 -16.02 -6.89
CA ILE B 220 13.90 -15.08 -7.77
C ILE B 220 15.32 -15.54 -8.05
N GLY B 221 15.96 -16.13 -7.05
CA GLY B 221 17.28 -16.67 -7.22
C GLY B 221 18.40 -15.70 -7.00
N GLU B 222 18.14 -14.51 -6.44
CA GLU B 222 19.19 -13.56 -6.09
C GLU B 222 19.21 -13.32 -4.59
N GLU B 223 20.36 -12.84 -4.11
CA GLU B 223 20.53 -12.40 -2.74
C GLU B 223 19.38 -11.48 -2.35
N PRO B 224 18.77 -11.67 -1.18
CA PRO B 224 17.68 -10.77 -0.77
C PRO B 224 18.22 -9.47 -0.17
N THR B 225 17.67 -8.35 -0.63
CA THR B 225 17.89 -7.04 0.01
C THR B 225 16.50 -6.52 0.35
N VAL B 226 16.24 -6.39 1.64
CA VAL B 226 14.91 -6.23 2.19
C VAL B 226 14.74 -4.80 2.70
N ALA B 227 13.66 -4.14 2.23
CA ALA B 227 13.23 -2.85 2.75
C ALA B 227 11.96 -3.06 3.55
N LEU B 228 11.97 -2.67 4.83
CA LEU B 228 10.76 -2.62 5.65
C LEU B 228 10.13 -1.23 5.48
N LEU B 229 8.94 -1.21 4.88
CA LEU B 229 8.34 0.02 4.39
C LEU B 229 7.44 0.72 5.40
N SER B 230 7.22 2.02 5.14
CA SER B 230 6.40 2.93 5.96
C SER B 230 6.13 4.20 5.15
N TYR B 231 5.27 5.06 5.70
CA TYR B 231 5.17 6.41 5.16
C TYR B 231 6.30 7.30 5.68
N SER B 232 7.08 6.82 6.64
CA SER B 232 8.20 7.51 7.24
C SER B 232 9.49 6.89 6.75
N THR B 233 10.52 7.73 6.59
CA THR B 233 11.88 7.30 6.26
C THR B 233 12.81 7.74 7.39
N LYS B 234 13.36 6.77 8.11
CA LYS B 234 14.40 6.99 9.13
C LYS B 234 14.09 8.19 10.00
N GLY B 235 12.88 8.21 10.54
CA GLY B 235 12.48 9.21 11.50
C GLY B 235 11.63 10.33 10.98
N SER B 236 11.43 10.44 9.66
CA SER B 236 10.78 11.62 9.09
C SER B 236 9.33 11.75 9.54
N GLY B 237 8.68 10.65 9.88
CA GLY B 237 7.32 10.77 10.36
C GLY B 237 7.18 10.91 11.86
N GLY B 238 8.28 11.09 12.58
CA GLY B 238 8.24 11.33 14.01
C GLY B 238 8.45 10.06 14.80
N ASP B 239 8.12 10.14 16.10
CA ASP B 239 8.41 9.06 17.04
C ASP B 239 7.21 8.68 17.87
N SER B 240 6.03 9.17 17.52
CA SER B 240 4.82 8.90 18.28
C SER B 240 3.89 7.88 17.63
N ASP B 241 3.83 7.81 16.29
CA ASP B 241 2.87 6.92 15.64
C ASP B 241 3.29 5.47 15.88
N GLU B 242 2.41 4.70 16.51
CA GLU B 242 2.74 3.32 16.85
C GLU B 242 3.07 2.50 15.60
N ASN B 243 2.41 2.77 14.48
CA ASN B 243 2.73 2.05 13.25
C ASN B 243 4.14 2.35 12.77
N ILE B 244 4.68 3.55 13.03
CA ILE B 244 6.06 3.80 12.67
C ILE B 244 6.97 3.01 13.60
N LEU B 245 6.66 3.02 14.89
CA LEU B 245 7.52 2.37 15.88
C LEU B 245 7.52 0.85 15.70
N ARG B 246 6.38 0.26 15.36
CA ARG B 246 6.33 -1.17 15.05
C ARG B 246 7.35 -1.54 13.97
N VAL B 247 7.44 -0.74 12.90
CA VAL B 247 8.40 -1.04 11.85
C VAL B 247 9.83 -0.85 12.34
N ARG B 248 10.09 0.25 13.07
CA ARG B 248 11.43 0.53 13.58
C ARG B 248 11.87 -0.55 14.57
N GLU B 249 10.96 -0.97 15.43
CA GLU B 249 11.22 -2.06 16.35
C GLU B 249 11.61 -3.33 15.60
N ALA B 250 10.86 -3.68 14.55
CA ALA B 250 11.20 -4.91 13.80
C ALA B 250 12.60 -4.82 13.23
N VAL B 251 13.01 -3.63 12.82
CA VAL B 251 14.37 -3.46 12.32
C VAL B 251 15.38 -3.71 13.43
N ARG B 252 15.14 -3.14 14.62
CA ARG B 252 16.01 -3.41 15.77
C ARG B 252 16.07 -4.91 16.03
N ILE B 253 14.91 -5.58 15.98
CA ILE B 253 14.87 -7.02 16.22
C ILE B 253 15.73 -7.76 15.20
N LEU B 254 15.63 -7.39 13.92
CA LEU B 254 16.47 -8.06 12.93
C LEU B 254 17.95 -7.87 13.21
N HIS B 255 18.36 -6.69 13.70
CA HIS B 255 19.77 -6.51 14.08
C HIS B 255 20.14 -7.44 15.22
N GLU B 256 19.30 -7.49 16.26
CA GLU B 256 19.53 -8.36 17.40
C GLU B 256 19.66 -9.81 17.00
N ARG B 257 18.79 -10.29 16.09
CA ARG B 257 18.91 -11.66 15.61
C ARG B 257 20.16 -11.91 14.80
N ARG B 258 20.89 -10.87 14.41
CA ARG B 258 22.06 -11.06 13.56
C ARG B 258 21.72 -11.90 12.33
N VAL B 259 20.67 -11.48 11.59
CA VAL B 259 20.29 -12.20 10.37
C VAL B 259 21.35 -11.99 9.31
N ASP B 260 21.34 -12.86 8.30
CA ASP B 260 22.42 -12.87 7.32
C ASP B 260 22.07 -12.17 6.02
N PHE B 261 20.90 -11.52 5.94
CA PHE B 261 20.54 -10.80 4.73
C PHE B 261 20.60 -9.31 5.03
N THR B 262 20.76 -8.52 3.98
CA THR B 262 20.79 -7.07 4.09
C THR B 262 19.38 -6.52 4.22
N PHE B 263 19.20 -5.60 5.17
CA PHE B 263 17.89 -4.99 5.41
C PHE B 263 18.05 -3.56 5.92
N ASP B 264 16.96 -2.83 5.87
CA ASP B 264 16.90 -1.51 6.50
C ASP B 264 15.45 -1.07 6.53
N GLY B 265 15.16 -0.19 7.47
CA GLY B 265 13.86 0.45 7.63
C GLY B 265 13.95 1.41 8.81
N GLU B 266 12.84 2.11 9.10
CA GLU B 266 11.66 2.17 8.22
C GLU B 266 11.98 3.04 7.01
N LEU B 267 11.52 2.64 5.84
CA LEU B 267 11.76 3.36 4.60
C LEU B 267 10.49 3.59 3.80
N GLN B 268 10.34 4.81 3.27
CA GLN B 268 9.35 5.01 2.22
C GLN B 268 9.74 4.22 0.96
N LEU B 269 8.75 4.01 0.11
CA LEU B 269 8.98 3.16 -1.06
C LEU B 269 9.99 3.81 -2.01
N ASP B 270 9.91 5.12 -2.22
CA ASP B 270 10.88 5.76 -3.11
C ASP B 270 12.28 5.74 -2.50
N ALA B 271 12.39 5.90 -1.20
CA ALA B 271 13.71 5.78 -0.60
C ALA B 271 14.26 4.36 -0.73
N ALA B 272 13.37 3.37 -0.71
CA ALA B 272 13.84 2.01 -0.89
C ALA B 272 14.36 1.77 -2.30
N LEU B 273 13.65 2.29 -3.31
CA LEU B 273 13.87 1.88 -4.68
C LEU B 273 14.65 2.87 -5.54
N VAL B 274 14.81 4.12 -5.11
CA VAL B 274 15.37 5.18 -5.93
C VAL B 274 16.61 5.73 -5.24
N PRO B 275 17.79 5.33 -5.70
CA PRO B 275 19.01 5.68 -4.94
C PRO B 275 19.24 7.18 -4.79
N LYS B 276 18.88 8.02 -5.76
CA LYS B 276 19.02 9.46 -5.56
C LYS B 276 18.26 9.90 -4.32
N ILE B 277 17.10 9.29 -4.06
CA ILE B 277 16.29 9.66 -2.91
C ILE B 277 16.84 9.02 -1.65
N THR B 278 17.27 7.76 -1.75
CA THR B 278 17.94 7.10 -0.63
C THR B 278 19.09 7.96 -0.08
N GLU B 279 19.89 8.54 -0.98
CA GLU B 279 21.06 9.32 -0.55
C GLU B 279 20.66 10.55 0.24
N LYS B 280 19.47 11.11 -0.01
CA LYS B 280 18.96 12.24 0.75
C LYS B 280 18.30 11.79 2.06
N LYS B 281 17.29 10.91 1.97
CA LYS B 281 16.47 10.60 3.14
C LYS B 281 17.07 9.50 4.02
N ALA B 282 17.98 8.68 3.49
CA ALA B 282 18.53 7.55 4.25
C ALA B 282 20.00 7.36 3.89
N PRO B 283 20.82 8.40 4.15
CA PRO B 283 22.22 8.34 3.71
C PRO B 283 22.93 7.15 4.34
N HIS B 284 23.79 6.52 3.55
CA HIS B 284 24.54 5.34 3.98
C HIS B 284 23.62 4.16 4.31
N SER B 285 22.45 4.07 3.71
CA SER B 285 21.64 2.88 3.95
C SER B 285 22.31 1.68 3.29
N PRO B 286 22.31 0.52 3.95
CA PRO B 286 22.89 -0.68 3.32
C PRO B 286 22.14 -1.17 2.09
N ILE B 287 20.87 -0.79 1.91
CA ILE B 287 20.08 -1.38 0.82
C ILE B 287 20.17 -0.62 -0.50
N THR B 288 20.92 0.48 -0.55
CA THR B 288 20.84 1.41 -1.65
C THR B 288 21.05 0.75 -3.00
N GLY B 289 20.07 0.93 -3.89
CA GLY B 289 20.18 0.46 -5.25
C GLY B 289 20.03 -1.03 -5.44
N LYS B 290 19.75 -1.80 -4.38
CA LYS B 290 19.72 -3.26 -4.47
C LYS B 290 18.43 -3.94 -4.01
N VAL B 291 17.43 -3.18 -3.58
CA VAL B 291 16.26 -3.77 -2.96
C VAL B 291 15.50 -4.65 -3.95
N ASN B 292 15.19 -5.86 -3.50
CA ASN B 292 14.33 -6.73 -4.26
C ASN B 292 13.22 -7.37 -3.42
N THR B 293 13.13 -7.03 -2.15
CA THR B 293 12.18 -7.66 -1.23
C THR B 293 11.55 -6.55 -0.40
N LEU B 294 10.24 -6.41 -0.50
CA LEU B 294 9.49 -5.33 0.13
C LEU B 294 8.63 -5.91 1.25
N VAL B 295 8.81 -5.43 2.47
CA VAL B 295 8.01 -5.85 3.62
C VAL B 295 7.05 -4.73 4.01
N PHE B 296 5.76 -4.99 3.87
CA PHE B 296 4.74 -4.01 4.16
C PHE B 296 4.37 -4.01 5.64
N PRO B 297 3.93 -2.86 6.15
CA PRO B 297 3.74 -2.73 7.61
C PRO B 297 2.44 -3.34 8.11
N ASP B 298 1.48 -3.62 7.22
CA ASP B 298 0.22 -4.24 7.61
C ASP B 298 -0.44 -4.76 6.34
N LEU B 299 -1.62 -5.37 6.49
CA LEU B 299 -2.19 -6.15 5.40
C LEU B 299 -2.91 -5.26 4.41
N SER B 300 -3.48 -4.15 4.88
CA SER B 300 -4.08 -3.22 3.93
C SER B 300 -3.02 -2.66 2.97
N SER B 301 -1.89 -2.24 3.52
CA SER B 301 -0.87 -1.66 2.66
C SER B 301 -0.33 -2.69 1.66
N GLY B 302 -0.12 -3.92 2.12
CA GLY B 302 0.38 -4.96 1.22
C GLY B 302 -0.65 -5.48 0.24
N ASN B 303 -1.88 -5.73 0.71
CA ASN B 303 -2.92 -6.24 -0.20
C ASN B 303 -3.26 -5.20 -1.25
N ILE B 304 -3.43 -3.93 -0.83
CA ILE B 304 -3.66 -2.86 -1.80
C ILE B 304 -2.45 -2.71 -2.70
N GLY B 305 -1.26 -2.78 -2.10
CA GLY B 305 -0.04 -2.45 -2.82
C GLY B 305 0.26 -3.38 -3.97
N TYR B 306 0.23 -4.71 -3.72
CA TYR B 306 0.53 -5.64 -4.79
C TYR B 306 -0.52 -5.56 -5.89
N LYS B 307 -1.78 -5.40 -5.50
CA LYS B 307 -2.86 -5.27 -6.50
C LYS B 307 -2.72 -4.00 -7.34
N LEU B 308 -2.32 -2.89 -6.73
CA LEU B 308 -2.06 -1.70 -7.54
C LEU B 308 -1.02 -1.99 -8.62
N VAL B 309 0.06 -2.65 -8.25
CA VAL B 309 1.11 -2.93 -9.23
C VAL B 309 0.58 -3.88 -10.31
N GLN B 310 -0.14 -4.93 -9.89
CA GLN B 310 -0.71 -5.88 -10.83
C GLN B 310 -1.69 -5.20 -11.77
N ARG B 311 -2.63 -4.43 -11.23
CA ARG B 311 -3.72 -3.93 -12.06
C ARG B 311 -3.40 -2.67 -12.84
N LEU B 312 -2.45 -1.84 -12.41
CA LEU B 312 -2.20 -0.55 -13.06
C LEU B 312 -0.88 -0.55 -13.82
N SER B 313 -0.27 -1.70 -14.06
CA SER B 313 0.98 -1.76 -14.79
C SER B 313 1.05 -3.10 -15.53
N ASP B 314 2.15 -3.30 -16.25
CA ASP B 314 2.39 -4.53 -16.98
C ASP B 314 2.86 -5.68 -16.09
N ALA B 315 3.01 -5.47 -14.78
CA ALA B 315 3.49 -6.54 -13.91
C ALA B 315 2.52 -7.71 -13.83
N ASP B 316 3.08 -8.91 -13.63
CA ASP B 316 2.34 -10.10 -13.23
C ASP B 316 2.59 -10.41 -11.75
N ALA B 317 1.57 -10.97 -11.09
CA ALA B 317 1.64 -11.34 -9.68
C ALA B 317 1.41 -12.84 -9.52
N TYR B 318 2.40 -13.52 -8.95
CA TYR B 318 2.33 -14.97 -8.75
C TYR B 318 2.24 -15.21 -7.25
N GLY B 319 1.26 -16.00 -6.84
CA GLY B 319 1.03 -16.27 -5.44
C GLY B 319 -0.44 -16.19 -5.11
N PRO B 320 -0.77 -16.10 -3.82
CA PRO B 320 0.14 -16.00 -2.66
C PRO B 320 0.82 -17.33 -2.37
N PHE B 321 2.08 -17.26 -1.98
CA PHE B 321 2.87 -18.41 -1.57
C PHE B 321 3.08 -18.32 -0.07
N LEU B 322 2.75 -19.40 0.62
CA LEU B 322 2.96 -19.46 2.05
C LEU B 322 4.46 -19.57 2.33
N GLN B 323 4.87 -19.09 3.49
CA GLN B 323 6.30 -19.09 3.81
C GLN B 323 6.42 -19.18 5.32
N GLY B 324 7.56 -19.66 5.78
CA GLY B 324 7.78 -19.79 7.20
C GLY B 324 7.41 -21.13 7.78
N PHE B 325 6.69 -21.97 7.04
CA PHE B 325 6.37 -23.32 7.53
C PHE B 325 7.59 -24.23 7.52
N ALA B 326 7.69 -25.11 8.53
CA ALA B 326 8.82 -26.06 8.58
C ALA B 326 8.90 -26.92 7.33
N LYS B 327 7.78 -27.21 6.66
CA LYS B 327 7.78 -27.96 5.41
C LYS B 327 6.76 -27.28 4.52
N PRO B 328 7.01 -27.19 3.21
CA PRO B 328 6.17 -26.31 2.37
C PRO B 328 4.75 -26.83 2.14
N LEU B 329 3.80 -25.92 2.26
CA LEU B 329 2.44 -26.20 1.86
C LEU B 329 1.84 -25.01 1.14
N SER B 330 0.80 -25.27 0.39
CA SER B 330 0.14 -24.27 -0.43
C SER B 330 -1.37 -24.39 -0.26
N ASP B 331 -2.00 -23.23 -0.14
CA ASP B 331 -3.46 -23.10 -0.11
C ASP B 331 -3.93 -22.61 -1.46
N LEU B 332 -4.73 -23.41 -2.14
CA LEU B 332 -5.30 -23.06 -3.43
C LEU B 332 -6.57 -22.23 -3.22
N SER B 333 -6.97 -21.54 -4.29
CA SER B 333 -8.30 -20.95 -4.36
C SER B 333 -9.35 -22.02 -4.65
N ARG B 334 -10.51 -21.87 -4.02
CA ARG B 334 -11.62 -22.78 -4.24
C ARG B 334 -11.94 -22.97 -5.72
N GLY B 335 -11.77 -21.93 -6.54
CA GLY B 335 -12.16 -22.00 -7.93
C GLY B 335 -11.03 -22.22 -8.90
N CYS B 336 -9.94 -22.82 -8.43
CA CYS B 336 -8.72 -22.92 -9.22
C CYS B 336 -8.89 -23.85 -10.42
N SER B 337 -8.12 -23.58 -11.46
CA SER B 337 -8.02 -24.40 -12.65
C SER B 337 -7.18 -25.65 -12.36
N VAL B 338 -7.26 -26.63 -13.26
CA VAL B 338 -6.41 -27.80 -13.11
C VAL B 338 -4.95 -27.39 -13.26
N GLU B 339 -4.65 -26.57 -14.27
CA GLU B 339 -3.30 -26.07 -14.46
C GLU B 339 -2.83 -25.23 -13.27
N ASP B 340 -3.73 -24.51 -12.60
CA ASP B 340 -3.34 -23.77 -11.40
C ASP B 340 -2.83 -24.73 -10.32
N ILE B 341 -3.53 -25.86 -10.14
CA ILE B 341 -3.12 -26.85 -9.15
C ILE B 341 -1.74 -27.37 -9.47
N VAL B 342 -1.48 -27.68 -10.74
CA VAL B 342 -0.17 -28.19 -11.13
C VAL B 342 0.91 -27.17 -10.81
N ALA B 343 0.67 -25.90 -11.15
CA ALA B 343 1.66 -24.85 -10.89
C ALA B 343 1.92 -24.68 -9.41
N ALA B 344 0.87 -24.75 -8.59
CA ALA B 344 1.06 -24.65 -7.16
C ALA B 344 1.88 -25.81 -6.62
N CYS B 345 1.64 -27.02 -7.12
CA CYS B 345 2.42 -28.16 -6.68
C CYS B 345 3.89 -27.97 -7.02
N ALA B 346 4.17 -27.49 -8.24
CA ALA B 346 5.56 -27.32 -8.64
C ALA B 346 6.28 -26.30 -7.76
N VAL B 347 5.64 -25.17 -7.47
CA VAL B 347 6.29 -24.16 -6.63
C VAL B 347 6.55 -24.71 -5.24
N THR B 348 5.58 -25.44 -4.66
CA THR B 348 5.74 -25.96 -3.31
C THR B 348 6.84 -27.02 -3.27
N LEU B 349 6.98 -27.80 -4.34
CA LEU B 349 8.07 -28.78 -4.41
C LEU B 349 9.41 -28.06 -4.55
N VAL B 350 9.48 -27.01 -5.37
CA VAL B 350 10.72 -26.23 -5.43
C VAL B 350 11.05 -25.62 -4.07
N GLN B 351 10.02 -25.28 -3.27
CA GLN B 351 10.25 -24.77 -1.92
C GLN B 351 10.83 -25.78 -0.93
N SER B 352 10.77 -27.09 -1.16
CA SER B 352 11.33 -28.00 -0.17
C SER B 352 12.87 -28.09 -0.25
C1 EDO C . -10.26 22.86 -0.74
O1 EDO C . -10.40 21.42 -1.00
C2 EDO C . -8.84 23.44 -0.85
O2 EDO C . -7.93 23.04 0.20
H11 EDO C . -10.64 23.06 0.27
H12 EDO C . -10.89 23.39 -1.45
HO1 EDO C . -11.33 21.17 -0.94
H21 EDO C . -8.42 23.13 -1.80
H22 EDO C . -8.91 24.53 -0.85
HO2 EDO C . -7.06 23.43 0.04
C1 CIT D . -2.64 -24.39 20.46
O1 CIT D . -2.99 -24.26 21.65
O2 CIT D . -1.50 -24.84 20.22
C2 CIT D . -3.54 -23.98 19.31
C3 CIT D . -4.58 -22.95 19.77
O7 CIT D . -3.92 -21.94 20.55
C4 CIT D . -5.30 -22.35 18.55
C5 CIT D . -5.86 -20.97 18.79
O3 CIT D . -5.74 -20.40 19.90
O4 CIT D . -6.45 -20.41 17.83
C6 CIT D . -5.64 -23.64 20.61
O5 CIT D . -5.76 -23.37 21.84
O6 CIT D . -6.38 -24.50 20.07
H21 CIT D . -4.05 -24.85 18.91
H22 CIT D . -2.94 -23.54 18.51
HO7 CIT D . -4.25 -21.97 21.48
H41 CIT D . -4.60 -22.32 17.72
H42 CIT D . -6.12 -23.02 18.28
#